data_3HHL
#
_entry.id   3HHL
#
_cell.length_a   193.012
_cell.length_b   193.012
_cell.length_c   117.965
_cell.angle_alpha   90.00
_cell.angle_beta   90.00
_cell.angle_gamma   120.00
#
_symmetry.space_group_name_H-M   'H 3'
#
loop_
_entity.id
_entity.type
_entity.pdbx_description
1 polymer RPA0582
2 polymer RPA0582
3 polymer RPA0582
4 polymer RPA0582
5 non-polymer 'SULFATE ION'
6 non-polymer 'CHLORIDE ION'
7 non-polymer DI(HYDROXYETHYL)ETHER
8 non-polymer 'TRIETHYLENE GLYCOL'
9 non-polymer 'NONAETHYLENE GLYCOL'
10 non-polymer GLYCEROL
11 non-polymer 3,6,9,12,15,18,21-HEPTAOXATRICOSANE-1,23-DIOL
12 non-polymer 'PENTAETHYLENE GLYCOL'
13 non-polymer 'TETRAETHYLENE GLYCOL'
14 water water
#
loop_
_entity_poly.entity_id
_entity_poly.type
_entity_poly.pdbx_seq_one_letter_code
_entity_poly.pdbx_strand_id
1 'polypeptide(L)'
;G(MSE)TGHIDPTKEVFAQFRANDREGPIH(MSE)LNLVRLRPRAAYPDGRETTGAEAYAAYGRDSGPVSERLGG(MLY)
VVWQGQFEL(MSE)LIGPQDEHWDHVFIAEYPSVAAFVE(MSE)IRDPVYREAVKHRQAAVEDSRLIRL(MLZ)PLKPG
(MLY)GFGEIPT
;
A
2 'polypeptide(L)'
;G(MSE)TGHIDPTKEVFAQFRANDREGPIH(MSE)LNLVRLRPRAAYPDGRETTGAEAYAAYGRDSGPVSERLGG(MLZ)
VVWQGQFEL(MSE)LIGPQDEHWDHVFIAEYPSVAAFVE(MSE)IRDPVYREAVKHRQAAVEDSRLIRLKPLKPG(MLY)
GFGEIPT
;
B
3 'polypeptide(L)'
;G(MSE)TGHIDPTKEVFAQFRANDREGPIH(MSE)LNLVRLRPRAAYPDGRETTGAEAYAAYGRDSGPVSERLGG(MLY)
VVWQGQFEL(MSE)LIGPQDEHWDHVFIAEYPSVAAFVE(MSE)IRDPVYREAV(MLZ)HRQAAVEDSRLIRL(MLZ)PL
KPG(MLY)GFGEIPT
;
C
4 'polypeptide(L)'
;G(MSE)TGHIDPTKEVFAQFRANDREGPIH(MSE)LNLVRLRPRAAYPDGRETTGAEAYAAYGRDSGPVSERLGG(MLY)
VVWQGQFEL(MSE)LIGPQDEHWDHVFIAEYPSVAAFVE(MSE)IRDPVYREAVKHRQAAVEDSRLIRLKPLKPG(MLY)
GFGEIPT
;
D
#
loop_
_chem_comp.id
_chem_comp.type
_chem_comp.name
_chem_comp.formula
1PE non-polymer 'PENTAETHYLENE GLYCOL' 'C10 H22 O6'
2PE non-polymer 'NONAETHYLENE GLYCOL' 'C18 H38 O10'
CL non-polymer 'CHLORIDE ION' 'Cl -1'
GOL non-polymer GLYCEROL 'C3 H8 O3'
PE8 non-polymer 3,6,9,12,15,18,21-HEPTAOXATRICOSANE-1,23-DIOL 'C16 H34 O9'
PEG non-polymer DI(HYDROXYETHYL)ETHER 'C4 H10 O3'
PG4 non-polymer 'TETRAETHYLENE GLYCOL' 'C8 H18 O5'
PGE non-polymer 'TRIETHYLENE GLYCOL' 'C6 H14 O4'
SO4 non-polymer 'SULFATE ION' 'O4 S -2'
#
# COMPACT_ATOMS: atom_id res chain seq x y z
N MSE A 2 5.86 23.83 -23.89
CA MSE A 2 4.98 24.09 -22.72
C MSE A 2 5.54 23.55 -21.36
O MSE A 2 6.47 22.70 -21.32
CB MSE A 2 3.59 23.49 -23.01
CG MSE A 2 3.47 21.94 -22.88
SE MSE A 2 1.60 21.27 -22.57
CE MSE A 2 1.12 22.31 -20.91
N THR A 3 4.94 24.07 -20.27
CA THR A 3 5.12 23.53 -18.91
C THR A 3 4.41 22.15 -18.79
N GLY A 4 5.02 21.16 -19.41
CA GLY A 4 4.58 19.81 -19.28
C GLY A 4 5.30 19.16 -18.14
N HIS A 5 5.04 17.89 -17.98
CA HIS A 5 5.65 17.11 -16.94
C HIS A 5 6.79 16.37 -17.55
N ILE A 6 7.97 16.56 -16.99
CA ILE A 6 9.18 16.01 -17.55
C ILE A 6 9.81 15.03 -16.60
N ASP A 7 9.87 15.38 -15.32
CA ASP A 7 10.51 14.54 -14.32
C ASP A 7 9.54 14.11 -13.23
N PRO A 8 9.86 13.05 -12.54
CA PRO A 8 9.07 12.64 -11.40
C PRO A 8 9.42 13.52 -10.19
N THR A 9 8.45 13.77 -9.31
CA THR A 9 8.72 14.51 -8.10
C THR A 9 9.28 13.55 -7.04
N LYS A 10 9.97 14.09 -6.03
CA LYS A 10 10.60 13.20 -5.06
C LYS A 10 9.56 12.38 -4.25
N GLU A 11 8.40 12.96 -4.01
CA GLU A 11 7.37 12.36 -3.19
C GLU A 11 6.75 11.16 -3.91
N VAL A 12 6.54 11.31 -5.22
CA VAL A 12 5.95 10.27 -6.04
C VAL A 12 6.94 9.14 -6.30
N PHE A 13 8.20 9.46 -6.49
CA PHE A 13 9.20 8.43 -6.57
C PHE A 13 9.31 7.59 -5.28
N ALA A 14 9.07 8.22 -4.15
CA ALA A 14 9.03 7.49 -2.89
C ALA A 14 7.90 6.46 -2.92
N GLN A 15 6.74 6.89 -3.38
CA GLN A 15 5.61 6.01 -3.51
C GLN A 15 5.92 4.82 -4.44
N PHE A 16 6.69 5.07 -5.50
CA PHE A 16 7.07 4.06 -6.46
C PHE A 16 7.91 3.00 -5.77
N ARG A 17 8.93 3.43 -5.04
N ARG A 17 8.92 3.43 -5.03
CA ARG A 17 9.77 2.52 -4.28
CA ARG A 17 9.74 2.52 -4.26
C ARG A 17 8.98 1.83 -3.14
C ARG A 17 8.96 1.83 -3.15
N ALA A 18 8.00 2.54 -2.57
CA ALA A 18 7.21 1.97 -1.45
C ALA A 18 6.47 0.71 -1.92
N ASN A 19 5.95 0.74 -3.15
CA ASN A 19 5.24 -0.35 -3.69
C ASN A 19 6.17 -1.31 -4.42
N ASP A 20 6.82 -2.17 -3.65
CA ASP A 20 7.87 -2.99 -4.20
C ASP A 20 7.44 -4.44 -4.38
N ARG A 21 6.16 -4.66 -4.66
CA ARG A 21 5.67 -6.03 -4.83
C ARG A 21 6.50 -6.75 -5.89
N GLU A 22 6.76 -8.01 -5.66
CA GLU A 22 7.46 -8.83 -6.64
C GLU A 22 6.62 -8.98 -7.95
N GLY A 23 7.37 -8.91 -9.06
CA GLY A 23 6.81 -9.19 -10.37
C GLY A 23 7.17 -8.07 -11.31
N PRO A 24 7.14 -8.34 -12.60
CA PRO A 24 7.56 -7.27 -13.50
C PRO A 24 6.68 -6.06 -13.41
N ILE A 25 7.22 -4.96 -13.92
CA ILE A 25 6.51 -3.72 -14.00
C ILE A 25 6.57 -3.34 -15.47
N HIS A 26 5.45 -2.83 -15.96
CA HIS A 26 5.37 -2.27 -17.27
C HIS A 26 5.23 -0.79 -17.12
N MSE A 27 6.09 -0.10 -17.83
CA MSE A 27 6.18 1.33 -17.81
C MSE A 27 5.70 1.86 -19.17
O MSE A 27 6.42 1.77 -20.17
CB MSE A 27 7.64 1.71 -17.56
CG MSE A 27 8.21 1.21 -16.24
SE MSE A 27 7.22 1.70 -14.65
CE MSE A 27 7.86 3.45 -14.37
N LEU A 28 4.50 2.41 -19.18
CA LEU A 28 3.94 3.04 -20.38
C LEU A 28 4.43 4.46 -20.49
N ASN A 29 5.19 4.75 -21.52
CA ASN A 29 5.76 6.07 -21.78
C ASN A 29 4.97 6.80 -22.89
N LEU A 30 4.46 8.00 -22.61
CA LEU A 30 3.93 8.85 -23.66
C LEU A 30 4.85 10.11 -23.70
N VAL A 31 5.53 10.36 -24.82
CA VAL A 31 6.52 11.42 -24.87
C VAL A 31 6.30 12.43 -26.01
N ARG A 32 6.16 13.70 -25.64
CA ARG A 32 6.02 14.77 -26.61
C ARG A 32 7.34 15.54 -26.58
N LEU A 33 7.98 15.65 -27.74
CA LEU A 33 9.30 16.23 -27.81
C LEU A 33 9.27 17.73 -28.16
N ARG A 34 10.22 18.50 -27.64
CA ARG A 34 10.38 19.88 -28.07
C ARG A 34 10.86 19.92 -29.48
N PRO A 35 10.43 20.90 -30.25
CA PRO A 35 11.08 21.19 -31.52
C PRO A 35 12.57 21.46 -31.30
N ARG A 36 12.86 22.43 -30.42
CA ARG A 36 14.23 22.77 -30.08
C ARG A 36 14.55 22.30 -28.64
N ALA A 37 15.59 21.49 -28.51
CA ALA A 37 16.06 20.99 -27.23
C ALA A 37 16.52 22.11 -26.30
N ALA A 38 16.06 22.05 -25.05
CA ALA A 38 16.35 23.06 -24.03
C ALA A 38 17.46 22.58 -23.11
N TYR A 39 18.70 22.60 -23.60
CA TYR A 39 19.85 22.35 -22.70
C TYR A 39 20.33 23.66 -22.01
N PRO A 40 20.97 23.52 -20.82
CA PRO A 40 21.74 24.61 -20.16
C PRO A 40 22.75 25.34 -21.06
N ASP A 41 23.52 24.55 -21.82
CA ASP A 41 24.42 25.03 -22.90
C ASP A 41 23.81 26.07 -23.80
N GLY A 42 22.55 25.89 -24.18
CA GLY A 42 21.93 26.67 -25.26
C GLY A 42 22.13 26.04 -26.63
N ARG A 43 22.91 24.95 -26.68
CA ARG A 43 23.25 24.29 -27.93
C ARG A 43 22.00 23.97 -28.74
N GLU A 44 22.11 24.10 -30.05
CA GLU A 44 21.00 23.85 -30.94
C GLU A 44 21.02 22.38 -31.40
N THR A 45 20.01 21.62 -30.98
CA THR A 45 19.71 20.30 -31.55
C THR A 45 18.23 20.15 -31.48
N THR A 46 17.66 19.28 -32.29
CA THR A 46 16.24 19.04 -32.19
C THR A 46 15.93 18.22 -30.94
N GLY A 47 14.70 18.30 -30.48
CA GLY A 47 14.28 17.40 -29.42
C GLY A 47 14.56 15.94 -29.76
N ALA A 48 14.28 15.56 -31.00
CA ALA A 48 14.48 14.20 -31.48
C ALA A 48 15.93 13.81 -31.36
N GLU A 49 16.82 14.71 -31.73
CA GLU A 49 18.23 14.38 -31.64
C GLU A 49 18.64 14.17 -30.17
N ALA A 50 18.14 15.00 -29.26
CA ALA A 50 18.47 14.89 -27.84
C ALA A 50 17.88 13.60 -27.24
N TYR A 51 16.67 13.25 -27.66
CA TYR A 51 16.05 12.04 -27.19
C TYR A 51 16.83 10.83 -27.69
N ALA A 52 17.27 10.88 -28.94
CA ALA A 52 18.12 9.85 -29.51
C ALA A 52 19.35 9.63 -28.63
N ALA A 53 20.03 10.71 -28.26
CA ALA A 53 21.20 10.60 -27.41
C ALA A 53 20.84 9.98 -26.05
N TYR A 54 19.67 10.32 -25.50
CA TYR A 54 19.24 9.77 -24.23
C TYR A 54 19.16 8.25 -24.36
N GLY A 55 18.41 7.82 -25.37
CA GLY A 55 18.27 6.40 -25.67
C GLY A 55 19.63 5.72 -25.87
N ARG A 56 20.47 6.35 -26.69
N ARG A 56 20.48 6.35 -26.65
CA ARG A 56 21.76 5.78 -27.05
CA ARG A 56 21.74 5.72 -27.01
C ARG A 56 22.57 5.50 -25.78
C ARG A 56 22.66 5.54 -25.82
N ASP A 57 22.65 6.49 -24.89
CA ASP A 57 23.51 6.38 -23.72
C ASP A 57 22.87 5.63 -22.53
N SER A 58 21.54 5.59 -22.49
CA SER A 58 20.83 4.85 -21.44
C SER A 58 20.56 3.38 -21.77
N GLY A 59 20.57 3.02 -23.05
CA GLY A 59 20.23 1.66 -23.48
C GLY A 59 21.03 0.56 -22.79
N PRO A 60 22.34 0.72 -22.73
CA PRO A 60 23.15 -0.32 -22.11
C PRO A 60 22.85 -0.54 -20.67
N VAL A 61 22.46 0.51 -19.97
CA VAL A 61 22.24 0.41 -18.55
C VAL A 61 20.94 -0.35 -18.35
N SER A 62 19.96 0.02 -19.15
CA SER A 62 18.66 -0.61 -19.07
C SER A 62 18.78 -2.10 -19.34
N GLU A 63 19.52 -2.43 -20.40
CA GLU A 63 19.67 -3.80 -20.86
C GLU A 63 20.35 -4.66 -19.81
N ARG A 64 21.36 -4.08 -19.20
CA ARG A 64 22.16 -4.77 -18.22
C ARG A 64 21.33 -5.14 -16.99
N LEU A 65 20.30 -4.36 -16.68
CA LEU A 65 19.46 -4.56 -15.52
C LEU A 65 18.08 -5.18 -15.84
N GLY A 66 17.88 -5.70 -17.05
CA GLY A 66 16.67 -6.42 -17.40
C GLY A 66 15.60 -5.66 -18.16
N GLY A 67 15.80 -4.38 -18.38
CA GLY A 67 14.87 -3.58 -19.15
C GLY A 67 14.82 -4.09 -20.58
N MLY A 68 13.64 -4.04 -21.16
CA MLY A 68 13.41 -4.34 -22.56
CB MLY A 68 13.30 -5.84 -22.80
CG MLY A 68 12.25 -6.55 -21.98
CD MLY A 68 12.67 -7.94 -21.54
CE MLY A 68 11.93 -9.04 -22.30
NZ MLY A 68 10.84 -9.73 -21.59
CH1 MLY A 68 11.35 -10.80 -20.70
CH2 MLY A 68 9.88 -10.31 -22.56
C MLY A 68 12.12 -3.61 -22.97
O MLY A 68 11.14 -3.58 -22.23
N VAL A 69 12.14 -3.00 -24.14
CA VAL A 69 10.97 -2.47 -24.74
C VAL A 69 10.17 -3.62 -25.26
N VAL A 70 8.97 -3.82 -24.73
CA VAL A 70 8.10 -4.95 -25.13
C VAL A 70 6.98 -4.57 -26.07
N TRP A 71 6.71 -3.28 -26.27
CA TRP A 71 5.74 -2.83 -27.29
C TRP A 71 6.03 -1.40 -27.62
N GLN A 72 5.81 -1.06 -28.87
CA GLN A 72 6.09 0.30 -29.29
C GLN A 72 5.17 0.63 -30.45
N GLY A 73 4.64 1.86 -30.49
CA GLY A 73 3.77 2.27 -31.59
C GLY A 73 4.03 3.65 -32.11
N GLN A 74 3.69 3.87 -33.38
CA GLN A 74 3.73 5.20 -33.99
C GLN A 74 2.37 5.86 -33.85
N PHE A 75 2.33 7.02 -33.21
CA PHE A 75 1.10 7.75 -32.98
C PHE A 75 0.50 8.11 -34.28
N GLU A 76 -0.80 7.86 -34.45
CA GLU A 76 -1.54 8.23 -35.67
C GLU A 76 -2.74 9.17 -35.42
N LEU A 77 -3.43 9.03 -34.30
CA LEU A 77 -4.63 9.84 -34.04
C LEU A 77 -5.04 9.78 -32.59
N MSE A 78 -5.39 10.94 -32.03
CA MSE A 78 -6.12 10.98 -30.74
C MSE A 78 -7.60 10.85 -31.07
O MSE A 78 -8.25 11.83 -31.36
CB MSE A 78 -5.82 12.25 -29.95
CG MSE A 78 -6.57 12.35 -28.63
SE MSE A 78 -5.87 11.08 -27.30
CE MSE A 78 -4.02 11.64 -27.28
N LEU A 79 -8.12 9.61 -31.09
CA LEU A 79 -9.49 9.37 -31.53
C LEU A 79 -10.47 9.84 -30.45
N ILE A 80 -10.18 9.51 -29.19
CA ILE A 80 -10.92 10.09 -28.06
C ILE A 80 -9.95 10.82 -27.15
N GLY A 81 -10.22 12.09 -26.93
CA GLY A 81 -9.35 12.95 -26.16
C GLY A 81 -9.30 14.31 -26.81
N PRO A 82 -8.51 15.22 -26.26
CA PRO A 82 -8.33 16.55 -26.86
C PRO A 82 -7.33 16.55 -27.97
N GLN A 83 -7.57 17.31 -29.03
CA GLN A 83 -6.63 17.30 -30.18
C GLN A 83 -5.27 17.94 -29.91
N ASP A 84 -5.16 18.75 -28.87
CA ASP A 84 -3.84 19.28 -28.49
C ASP A 84 -2.93 18.19 -27.86
N GLU A 85 -3.48 17.01 -27.62
CA GLU A 85 -2.68 15.95 -27.03
C GLU A 85 -2.19 15.10 -28.20
N HIS A 86 -0.89 15.06 -28.35
CA HIS A 86 -0.26 14.18 -29.32
C HIS A 86 1.09 13.76 -28.77
N TRP A 87 1.56 12.59 -29.15
CA TRP A 87 2.76 12.04 -28.60
C TRP A 87 3.65 11.60 -29.75
N ASP A 88 4.95 11.80 -29.58
CA ASP A 88 5.94 11.50 -30.62
C ASP A 88 6.48 10.11 -30.41
N HIS A 89 6.56 9.68 -29.15
CA HIS A 89 7.01 8.35 -28.82
C HIS A 89 6.06 7.71 -27.86
N VAL A 90 5.66 6.47 -28.15
CA VAL A 90 4.74 5.76 -27.29
C VAL A 90 5.21 4.34 -27.21
N PHE A 91 5.50 3.87 -26.01
CA PHE A 91 6.04 2.52 -25.86
C PHE A 91 5.88 2.05 -24.45
N ILE A 92 6.01 0.73 -24.31
CA ILE A 92 6.02 0.09 -22.99
C ILE A 92 7.34 -0.59 -22.76
N ALA A 93 7.96 -0.28 -21.63
CA ALA A 93 9.27 -0.87 -21.22
C ALA A 93 8.95 -1.79 -20.06
N GLU A 94 9.52 -2.98 -20.06
CA GLU A 94 9.32 -3.90 -18.94
C GLU A 94 10.59 -3.96 -18.12
N TYR A 95 10.47 -3.98 -16.81
CA TYR A 95 11.60 -4.26 -15.94
C TYR A 95 11.18 -5.39 -15.06
N PRO A 96 12.12 -6.21 -14.59
CA PRO A 96 11.74 -7.41 -13.90
C PRO A 96 11.40 -7.14 -12.46
N SER A 97 11.72 -5.95 -12.00
CA SER A 97 11.47 -5.59 -10.62
C SER A 97 11.50 -4.08 -10.50
N VAL A 98 10.93 -3.57 -9.40
CA VAL A 98 11.02 -2.18 -9.07
C VAL A 98 12.46 -1.87 -8.82
N ALA A 99 13.14 -2.73 -8.09
CA ALA A 99 14.56 -2.56 -7.78
C ALA A 99 15.41 -2.44 -9.05
N ALA A 100 15.07 -3.19 -10.10
CA ALA A 100 15.87 -3.10 -11.30
C ALA A 100 15.83 -1.68 -11.84
N PHE A 101 14.66 -1.09 -11.80
CA PHE A 101 14.42 0.24 -12.29
C PHE A 101 15.10 1.29 -11.43
N VAL A 102 15.07 1.09 -10.13
CA VAL A 102 15.69 2.05 -9.23
C VAL A 102 17.21 2.01 -9.47
N GLU A 103 17.74 0.83 -9.73
CA GLU A 103 19.16 0.75 -9.92
C GLU A 103 19.52 1.48 -11.20
N MSE A 104 18.67 1.40 -12.20
CA MSE A 104 18.91 2.16 -13.44
C MSE A 104 18.94 3.65 -13.20
O MSE A 104 19.85 4.35 -13.67
CB MSE A 104 17.85 1.89 -14.49
CG MSE A 104 17.98 2.72 -15.74
SE MSE A 104 16.66 2.17 -17.08
CE MSE A 104 15.11 3.03 -16.28
N ILE A 105 17.95 4.16 -12.46
CA ILE A 105 17.90 5.62 -12.38
C ILE A 105 19.00 6.13 -11.44
N ARG A 106 19.62 5.23 -10.68
CA ARG A 106 20.75 5.56 -9.81
C ARG A 106 22.09 5.40 -10.49
N ASP A 107 22.13 4.66 -11.58
CA ASP A 107 23.37 4.44 -12.28
C ASP A 107 24.00 5.74 -12.79
N PRO A 108 25.27 5.94 -12.48
CA PRO A 108 25.89 7.22 -12.91
C PRO A 108 25.91 7.42 -14.41
N VAL A 109 26.09 6.35 -15.20
CA VAL A 109 25.94 6.52 -16.64
C VAL A 109 24.52 6.98 -16.99
N TYR A 110 23.50 6.43 -16.32
CA TYR A 110 22.10 6.83 -16.62
C TYR A 110 21.85 8.22 -16.21
N ARG A 111 22.36 8.59 -15.04
CA ARG A 111 22.20 9.97 -14.57
C ARG A 111 22.74 11.06 -15.47
N GLU A 112 23.76 10.75 -16.29
CA GLU A 112 24.21 11.67 -17.34
C GLU A 112 23.31 11.58 -18.57
N ALA A 113 22.97 10.37 -19.00
CA ALA A 113 22.12 10.22 -20.18
C ALA A 113 20.81 10.98 -20.01
N VAL A 114 20.24 10.92 -18.80
CA VAL A 114 18.93 11.50 -18.57
C VAL A 114 18.92 13.01 -18.74
N LYS A 115 20.06 13.64 -18.60
CA LYS A 115 20.18 15.06 -18.95
C LYS A 115 19.70 15.37 -20.38
N HIS A 116 19.90 14.43 -21.29
CA HIS A 116 19.37 14.58 -22.63
C HIS A 116 17.85 14.47 -22.64
N ARG A 117 17.29 13.60 -21.81
CA ARG A 117 15.83 13.48 -21.75
C ARG A 117 15.30 14.83 -21.29
N GLN A 118 15.95 15.41 -20.30
CA GLN A 118 15.44 16.64 -19.68
C GLN A 118 15.41 17.76 -20.68
N ALA A 119 16.39 17.77 -21.57
CA ALA A 119 16.46 18.74 -22.66
C ALA A 119 15.43 18.46 -23.77
N ALA A 120 15.08 17.19 -23.97
CA ALA A 120 14.26 16.77 -25.12
C ALA A 120 12.77 16.95 -24.90
N VAL A 121 12.30 16.70 -23.68
CA VAL A 121 10.89 16.43 -23.49
C VAL A 121 10.12 17.71 -23.20
N GLU A 122 9.06 17.92 -23.96
CA GLU A 122 8.14 19.01 -23.73
C GLU A 122 7.07 18.65 -22.73
N ASP A 123 6.55 17.43 -22.85
CA ASP A 123 5.55 16.90 -21.91
C ASP A 123 5.62 15.42 -22.04
N SER A 124 5.23 14.70 -20.99
CA SER A 124 5.27 13.24 -21.03
C SER A 124 4.41 12.65 -19.96
N ARG A 125 4.11 11.38 -20.10
CA ARG A 125 3.52 10.61 -19.05
C ARG A 125 4.33 9.37 -18.87
N LEU A 126 4.43 8.87 -17.65
CA LEU A 126 5.10 7.62 -17.38
C LEU A 126 4.25 6.92 -16.39
N ILE A 127 3.53 5.91 -16.85
CA ILE A 127 2.51 5.21 -16.09
C ILE A 127 3.03 3.85 -15.71
N ARG A 128 3.02 3.54 -14.42
CA ARG A 128 3.51 2.26 -13.96
C ARG A 128 2.34 1.31 -13.94
N LEU A 129 2.46 0.15 -14.59
CA LEU A 129 1.41 -0.85 -14.51
C LEU A 129 1.91 -2.23 -14.12
N MLZ A 130 1.05 -3.01 -13.49
CA MLZ A 130 1.27 -4.44 -13.34
CB MLZ A 130 0.68 -4.95 -12.06
CG MLZ A 130 0.58 -6.45 -12.00
CD MLZ A 130 0.46 -6.83 -10.65
CE MLZ A 130 -0.25 -8.01 -10.43
NZ MLZ A 130 -1.08 -7.79 -9.19
CM MLZ A 130 -0.37 -7.11 -8.06
C MLZ A 130 0.63 -5.15 -14.54
O MLZ A 130 -0.55 -5.02 -14.77
N PRO A 131 1.41 -5.88 -15.29
CA PRO A 131 0.87 -6.69 -16.41
C PRO A 131 -0.24 -7.63 -15.98
N LEU A 132 -1.31 -7.68 -16.75
CA LEU A 132 -2.35 -8.67 -16.56
C LEU A 132 -2.38 -9.68 -17.72
N LYS A 133 -2.84 -10.90 -17.45
CA LYS A 133 -3.23 -11.82 -18.55
C LYS A 133 -4.40 -11.13 -19.25
N PRO A 134 -4.28 -10.78 -20.57
CA PRO A 134 -5.40 -10.09 -21.26
C PRO A 134 -6.76 -10.87 -21.31
N GLY A 135 -7.32 -11.10 -20.11
CA GLY A 135 -8.75 -11.45 -19.85
C GLY A 135 -9.11 -10.63 -18.60
N MLY A 136 -10.08 -9.69 -18.73
CA MLY A 136 -10.36 -8.58 -17.75
CB MLY A 136 -11.82 -8.04 -17.88
CG MLY A 136 -12.20 -6.65 -17.27
CD MLY A 136 -11.52 -5.45 -17.96
CE MLY A 136 -12.08 -5.16 -19.37
NZ MLY A 136 -11.06 -4.82 -20.39
CH1 MLY A 136 -10.47 -3.54 -20.07
CH2 MLY A 136 -11.63 -4.79 -21.74
C MLY A 136 -10.00 -8.86 -16.27
O MLY A 136 -8.90 -8.54 -15.78
N MSE B 2 12.29 8.15 32.89
CA MSE B 2 12.54 6.66 32.93
C MSE B 2 13.99 6.28 32.49
O MSE B 2 14.62 5.38 33.13
CB MSE B 2 11.51 5.89 32.07
N THR B 3 14.54 6.98 31.47
CA THR B 3 15.69 6.50 30.62
C THR B 3 15.28 5.24 29.84
N GLY B 4 14.09 5.29 29.25
CA GLY B 4 13.60 4.21 28.45
C GLY B 4 13.99 4.32 27.01
N HIS B 5 13.29 3.57 26.18
CA HIS B 5 13.62 3.42 24.80
C HIS B 5 12.76 4.32 23.95
N ILE B 6 13.41 5.19 23.22
CA ILE B 6 12.74 6.20 22.43
C ILE B 6 12.93 5.92 20.95
N ASP B 7 14.15 5.57 20.57
CA ASP B 7 14.48 5.40 19.16
C ASP B 7 15.04 4.04 18.86
N PRO B 8 14.97 3.63 17.62
CA PRO B 8 15.58 2.38 17.23
C PRO B 8 17.08 2.53 17.11
N THR B 9 17.85 1.48 17.41
CA THR B 9 19.30 1.49 17.14
C THR B 9 19.58 1.18 15.68
N LYS B 10 20.75 1.57 15.20
CA LYS B 10 20.99 1.40 13.76
C LYS B 10 21.12 -0.09 13.39
N GLU B 11 21.66 -0.87 14.30
CA GLU B 11 21.83 -2.30 14.10
C GLU B 11 20.46 -2.95 13.92
N VAL B 12 19.52 -2.62 14.80
CA VAL B 12 18.19 -3.21 14.77
C VAL B 12 17.39 -2.72 13.56
N PHE B 13 17.55 -1.47 13.17
CA PHE B 13 16.90 -1.03 11.94
C PHE B 13 17.46 -1.74 10.69
N ALA B 14 18.72 -2.10 10.72
CA ALA B 14 19.31 -2.90 9.65
C ALA B 14 18.58 -4.27 9.56
N GLN B 15 18.41 -4.94 10.71
CA GLN B 15 17.61 -6.14 10.81
C GLN B 15 16.19 -5.99 10.23
N PHE B 16 15.56 -4.83 10.45
CA PHE B 16 14.21 -4.55 9.96
C PHE B 16 14.21 -4.54 8.44
N ARG B 17 15.11 -3.77 7.86
CA ARG B 17 15.25 -3.73 6.43
CA ARG B 17 15.29 -3.72 6.42
C ARG B 17 15.66 -5.08 5.86
N ALA B 18 16.44 -5.86 6.61
CA ALA B 18 16.93 -7.18 6.11
C ALA B 18 15.76 -8.14 5.89
N ASN B 19 14.74 -8.05 6.75
CA ASN B 19 13.62 -8.90 6.65
C ASN B 19 12.53 -8.23 5.81
N ASP B 20 12.65 -8.33 4.50
CA ASP B 20 11.83 -7.56 3.60
C ASP B 20 10.78 -8.43 2.89
N ARG B 21 10.30 -9.46 3.55
CA ARG B 21 9.32 -10.35 2.93
C ARG B 21 8.10 -9.53 2.52
N GLU B 22 7.54 -9.90 1.36
CA GLU B 22 6.31 -9.28 0.87
C GLU B 22 5.12 -9.54 1.85
N GLY B 23 4.36 -8.47 2.07
CA GLY B 23 3.17 -8.53 2.88
C GLY B 23 3.13 -7.34 3.82
N PRO B 24 1.94 -7.01 4.27
CA PRO B 24 1.83 -5.93 5.21
C PRO B 24 2.59 -6.25 6.48
N ILE B 25 2.96 -5.18 7.18
CA ILE B 25 3.56 -5.25 8.47
C ILE B 25 2.62 -4.48 9.40
N HIS B 26 2.44 -4.99 10.60
CA HIS B 26 1.67 -4.33 11.62
C HIS B 26 2.64 -3.91 12.69
N MSE B 27 2.56 -2.65 13.04
CA MSE B 27 3.47 -2.04 13.95
C MSE B 27 2.66 -1.72 15.24
O MSE B 27 1.89 -0.74 15.27
CB MSE B 27 4.03 -0.79 13.33
CG MSE B 27 4.81 -1.01 12.06
SE MSE B 27 6.30 -2.23 12.18
CE MSE B 27 7.63 -1.22 13.09
N LEU B 28 2.85 -2.54 16.26
CA LEU B 28 2.26 -2.29 17.57
C LEU B 28 3.09 -1.27 18.32
N ASN B 29 2.50 -0.11 18.59
CA ASN B 29 3.18 0.96 19.34
C ASN B 29 2.64 1.01 20.80
N LEU B 30 3.52 0.88 21.79
CA LEU B 30 3.17 1.15 23.17
C LEU B 30 3.91 2.44 23.57
N VAL B 31 3.21 3.52 23.90
CA VAL B 31 3.92 4.77 24.14
C VAL B 31 3.59 5.44 25.46
N ARG B 32 4.64 5.70 26.23
CA ARG B 32 4.53 6.40 27.50
CA ARG B 32 4.57 6.38 27.52
C ARG B 32 5.12 7.78 27.33
N LEU B 33 4.32 8.81 27.59
CA LEU B 33 4.77 10.19 27.35
C LEU B 33 5.39 10.86 28.57
N ARG B 34 6.31 11.79 28.33
CA ARG B 34 6.79 12.66 29.39
C ARG B 34 5.72 13.64 29.82
N PRO B 35 5.66 13.95 31.12
CA PRO B 35 4.86 15.08 31.61
C PRO B 35 5.28 16.36 30.88
N ARG B 36 6.59 16.57 30.85
CA ARG B 36 7.15 17.76 30.25
C ARG B 36 8.09 17.32 29.10
N ALA B 37 7.82 17.85 27.91
CA ALA B 37 8.60 17.56 26.70
C ALA B 37 10.08 17.99 26.81
N ALA B 38 10.98 17.10 26.41
CA ALA B 38 12.42 17.36 26.43
C ALA B 38 12.94 17.76 25.04
N TYR B 39 12.64 18.99 24.62
CA TYR B 39 13.27 19.55 23.42
C TYR B 39 14.70 20.11 23.73
N PRO B 40 15.59 20.12 22.72
CA PRO B 40 16.92 20.76 22.80
C PRO B 40 16.86 22.24 23.18
N ASP B 41 16.16 23.05 22.40
CA ASP B 41 15.81 24.42 22.80
C ASP B 41 14.67 24.26 23.80
N GLY B 42 14.96 24.51 25.08
CA GLY B 42 14.15 23.93 26.16
C GLY B 42 12.75 24.49 26.33
N ARG B 43 12.01 24.62 25.23
CA ARG B 43 10.65 25.14 25.26
C ARG B 43 9.82 24.33 26.24
N GLU B 44 8.84 24.99 26.83
CA GLU B 44 8.03 24.38 27.83
C GLU B 44 6.75 23.95 27.11
N THR B 45 6.53 22.65 27.02
CA THR B 45 5.24 22.10 26.56
C THR B 45 5.05 20.69 27.11
N THR B 46 3.83 20.17 27.07
CA THR B 46 3.60 18.83 27.61
C THR B 46 4.06 17.77 26.60
N GLY B 47 4.37 16.58 27.11
CA GLY B 47 4.57 15.42 26.24
C GLY B 47 3.43 15.23 25.25
N ALA B 48 2.19 15.33 25.74
CA ALA B 48 0.99 15.20 24.89
C ALA B 48 1.02 16.22 23.78
N GLU B 49 1.38 17.44 24.09
CA GLU B 49 1.34 18.44 23.06
C GLU B 49 2.35 18.13 21.97
N ALA B 50 3.56 17.73 22.37
CA ALA B 50 4.62 17.43 21.42
C ALA B 50 4.27 16.19 20.57
N TYR B 51 3.71 15.17 21.20
CA TYR B 51 3.31 13.99 20.48
C TYR B 51 2.22 14.34 19.46
N ALA B 52 1.28 15.20 19.83
CA ALA B 52 0.28 15.70 18.90
C ALA B 52 0.95 16.36 17.69
N ALA B 53 1.98 17.16 17.94
CA ALA B 53 2.68 17.82 16.85
C ALA B 53 3.34 16.77 15.93
N TYR B 54 3.94 15.73 16.50
CA TYR B 54 4.51 14.62 15.74
C TYR B 54 3.45 14.04 14.79
N GLY B 55 2.31 13.66 15.37
CA GLY B 55 1.18 13.12 14.61
C GLY B 55 0.72 14.05 13.50
N ARG B 56 0.41 15.28 13.85
N ARG B 56 0.41 15.27 13.88
CA ARG B 56 -0.03 16.28 12.90
CA ARG B 56 0.04 16.33 12.95
C ARG B 56 0.90 16.35 11.69
C ARG B 56 0.91 16.34 11.72
N ASP B 57 2.22 16.41 11.93
CA ASP B 57 3.16 16.62 10.84
C ASP B 57 3.59 15.34 10.15
N SER B 58 3.51 14.20 10.83
CA SER B 58 3.87 12.94 10.22
C SER B 58 2.72 12.22 9.49
N GLY B 59 1.48 12.59 9.82
CA GLY B 59 0.31 11.96 9.24
C GLY B 59 0.26 11.94 7.72
N PRO B 60 0.46 13.10 7.10
CA PRO B 60 0.41 13.14 5.63
C PRO B 60 1.40 12.26 4.95
N VAL B 61 2.57 12.09 5.54
CA VAL B 61 3.61 11.28 4.93
C VAL B 61 3.19 9.82 5.04
N SER B 62 2.70 9.45 6.20
CA SER B 62 2.32 8.07 6.45
C SER B 62 1.22 7.68 5.48
N GLU B 63 0.26 8.58 5.37
CA GLU B 63 -0.93 8.34 4.57
C GLU B 63 -0.57 8.19 3.09
N ARG B 64 0.34 9.03 2.64
CA ARG B 64 0.75 9.03 1.25
C ARG B 64 1.43 7.71 0.84
N LEU B 65 2.10 7.09 1.80
CA LEU B 65 2.81 5.83 1.59
C LEU B 65 2.03 4.55 2.05
N GLY B 66 0.78 4.70 2.45
CA GLY B 66 -0.10 3.55 2.71
C GLY B 66 -0.29 3.22 4.18
N GLY B 67 0.29 4.03 5.07
CA GLY B 67 0.12 3.82 6.49
C GLY B 67 -1.33 4.06 6.89
N MLZ B 68 -1.77 3.35 7.90
CA MLZ B 68 -3.06 3.60 8.48
CB MLZ B 68 -4.17 3.08 7.61
CG MLZ B 68 -3.95 1.72 7.19
CD MLZ B 68 -4.85 1.33 6.12
CE MLZ B 68 -4.93 -0.16 6.09
NZ MLZ B 68 -5.67 -0.69 4.90
CM MLZ B 68 -6.44 -1.89 5.26
C MLZ B 68 -3.10 2.95 9.84
O MLZ B 68 -2.46 1.92 10.05
N VAL B 69 -3.83 3.55 10.75
CA VAL B 69 -4.03 3.02 12.05
C VAL B 69 -5.17 2.07 11.92
N VAL B 70 -4.93 0.79 12.17
CA VAL B 70 -5.98 -0.21 12.04
C VAL B 70 -6.60 -0.60 13.36
N TRP B 71 -5.97 -0.22 14.47
CA TRP B 71 -6.55 -0.47 15.80
C TRP B 71 -5.96 0.48 16.78
N GLN B 72 -6.78 0.91 17.71
CA GLN B 72 -6.33 1.83 18.74
C GLN B 72 -7.13 1.58 20.01
N GLY B 73 -6.48 1.64 21.16
CA GLY B 73 -7.17 1.44 22.43
C GLY B 73 -6.69 2.37 23.51
N GLN B 74 -7.59 2.72 24.43
CA GLN B 74 -7.24 3.53 25.59
C GLN B 74 -6.82 2.62 26.75
N PHE B 75 -5.64 2.84 27.29
CA PHE B 75 -5.10 2.00 28.34
C PHE B 75 -5.97 2.11 29.55
N GLU B 76 -6.41 0.97 30.09
CA GLU B 76 -7.19 0.96 31.34
C GLU B 76 -6.52 0.23 32.51
N LEU B 77 -5.75 -0.83 32.24
CA LEU B 77 -5.13 -1.59 33.35
C LEU B 77 -4.06 -2.53 32.85
N MSE B 78 -2.97 -2.62 33.62
CA MSE B 78 -1.96 -3.68 33.41
C MSE B 78 -2.38 -4.84 34.30
O MSE B 78 -2.08 -4.83 35.47
CB MSE B 78 -0.56 -3.21 33.78
CG MSE B 78 0.51 -4.28 33.65
SE MSE B 78 0.88 -4.67 31.79
CE MSE B 78 1.25 -2.91 31.13
N LEU B 79 -3.13 -5.78 33.73
CA LEU B 79 -3.75 -6.83 34.53
C LEU B 79 -2.70 -7.87 34.89
N ILE B 80 -1.85 -8.26 33.92
CA ILE B 80 -0.67 -9.06 34.18
C ILE B 80 0.55 -8.28 33.72
N GLY B 81 1.49 -8.12 34.62
CA GLY B 81 2.69 -7.32 34.35
C GLY B 81 2.96 -6.46 35.54
N PRO B 82 4.05 -5.72 35.51
CA PRO B 82 4.37 -4.81 36.63
C PRO B 82 3.52 -3.57 36.66
N GLN B 83 3.13 -3.08 37.84
CA GLN B 83 2.30 -1.85 37.88
C GLN B 83 2.99 -0.58 37.42
N ASP B 84 4.31 -0.52 37.46
CA ASP B 84 4.95 0.71 36.97
C ASP B 84 4.95 0.77 35.45
N GLU B 85 4.39 -0.24 34.79
CA GLU B 85 4.29 -0.20 33.34
C GLU B 85 2.91 0.33 33.02
N HIS B 86 2.87 1.38 32.22
CA HIS B 86 1.63 1.91 31.74
C HIS B 86 1.90 2.76 30.53
N TRP B 87 0.91 2.87 29.65
CA TRP B 87 1.10 3.46 28.36
C TRP B 87 -0.02 4.45 28.12
N ASP B 88 0.33 5.54 27.47
CA ASP B 88 -0.60 6.62 27.19
C ASP B 88 -1.23 6.43 25.82
N HIS B 89 -0.48 5.84 24.89
CA HIS B 89 -0.98 5.57 23.55
C HIS B 89 -0.65 4.14 23.18
N VAL B 90 -1.65 3.43 22.69
CA VAL B 90 -1.51 2.05 22.32
C VAL B 90 -2.26 1.85 21.03
N PHE B 91 -1.56 1.51 19.96
CA PHE B 91 -2.20 1.36 18.65
C PHE B 91 -1.36 0.49 17.73
N ILE B 92 -2.02 0.08 16.64
CA ILE B 92 -1.38 -0.69 15.59
C ILE B 92 -1.51 0.05 14.27
N ALA B 93 -0.38 0.23 13.60
CA ALA B 93 -0.32 0.94 12.33
C ALA B 93 0.03 -0.15 11.36
N GLU B 94 -0.68 -0.19 10.24
CA GLU B 94 -0.36 -1.10 9.14
C GLU B 94 0.38 -0.35 8.03
N TYR B 95 1.39 -0.97 7.46
CA TYR B 95 2.02 -0.46 6.23
C TYR B 95 2.02 -1.60 5.25
N PRO B 96 1.91 -1.30 3.94
CA PRO B 96 1.71 -2.33 2.98
C PRO B 96 2.99 -3.06 2.70
N SER B 97 4.11 -2.47 3.12
CA SER B 97 5.40 -3.09 2.89
C SER B 97 6.43 -2.50 3.83
N VAL B 98 7.56 -3.20 3.96
CA VAL B 98 8.67 -2.69 4.73
C VAL B 98 9.24 -1.49 4.01
N ALA B 99 9.28 -1.55 2.70
CA ALA B 99 9.79 -0.42 1.92
C ALA B 99 8.95 0.83 2.16
N ALA B 100 7.64 0.69 2.37
CA ALA B 100 6.80 1.86 2.61
C ALA B 100 7.23 2.53 3.90
N PHE B 101 7.49 1.74 4.91
CA PHE B 101 7.84 2.25 6.20
C PHE B 101 9.21 2.93 6.15
N VAL B 102 10.13 2.34 5.41
CA VAL B 102 11.47 2.91 5.31
C VAL B 102 11.37 4.25 4.57
N GLU B 103 10.50 4.31 3.58
CA GLU B 103 10.39 5.53 2.82
C GLU B 103 9.84 6.66 3.71
N MSE B 104 8.92 6.32 4.61
CA MSE B 104 8.39 7.30 5.56
C MSE B 104 9.50 7.84 6.43
O MSE B 104 9.58 9.02 6.69
CB MSE B 104 7.34 6.65 6.47
CG MSE B 104 6.92 7.51 7.65
SE MSE B 104 5.40 6.75 8.58
CE MSE B 104 6.37 5.38 9.61
N ILE B 105 10.34 6.94 6.88
CA ILE B 105 11.36 7.28 7.83
C ILE B 105 12.47 8.10 7.19
N ARG B 106 12.64 7.96 5.88
CA ARG B 106 13.59 8.79 5.17
C ARG B 106 13.01 10.10 4.66
N ASP B 107 11.70 10.26 4.75
CA ASP B 107 11.09 11.46 4.19
C ASP B 107 11.49 12.69 5.00
N PRO B 108 11.96 13.73 4.33
CA PRO B 108 12.46 14.88 5.07
C PRO B 108 11.39 15.57 5.91
N VAL B 109 10.16 15.63 5.44
CA VAL B 109 9.08 16.10 6.30
C VAL B 109 8.93 15.23 7.56
N TYR B 110 9.05 13.91 7.43
CA TYR B 110 8.99 13.02 8.59
C TYR B 110 10.17 13.19 9.48
N ARG B 111 11.35 13.32 8.89
CA ARG B 111 12.57 13.49 9.68
C ARG B 111 12.55 14.71 10.58
N GLU B 112 11.77 15.74 10.21
CA GLU B 112 11.48 16.87 11.11
C GLU B 112 10.38 16.53 12.12
N ALA B 113 9.33 15.86 11.69
CA ALA B 113 8.24 15.59 12.60
C ALA B 113 8.72 14.74 13.78
N VAL B 114 9.60 13.79 13.49
CA VAL B 114 10.01 12.83 14.50
C VAL B 114 10.79 13.48 15.62
N LYS B 115 11.43 14.62 15.36
CA LYS B 115 11.99 15.43 16.44
C LYS B 115 10.97 15.70 17.59
N HIS B 116 9.70 15.87 17.24
CA HIS B 116 8.68 15.99 18.28
C HIS B 116 8.47 14.69 19.04
N ARG B 117 8.54 13.53 18.36
CA ARG B 117 8.39 12.24 19.06
C ARG B 117 9.53 12.19 20.04
N GLN B 118 10.70 12.58 19.58
CA GLN B 118 11.92 12.44 20.37
C GLN B 118 11.82 13.23 21.66
N ALA B 119 11.20 14.40 21.60
CA ALA B 119 10.95 15.24 22.78
C ALA B 119 9.83 14.69 23.67
N ALA B 120 8.90 13.93 23.09
CA ALA B 120 7.64 13.56 23.76
C ALA B 120 7.78 12.32 24.58
N VAL B 121 8.51 11.34 24.03
CA VAL B 121 8.40 9.99 24.51
C VAL B 121 9.34 9.75 25.67
N GLU B 122 8.80 9.27 26.77
CA GLU B 122 9.57 8.89 27.93
C GLU B 122 10.08 7.47 27.80
N ASP B 123 9.23 6.59 27.28
CA ASP B 123 9.58 5.18 27.05
C ASP B 123 8.58 4.69 26.06
N SER B 124 8.92 3.66 25.31
CA SER B 124 8.02 3.14 24.27
C SER B 124 8.43 1.76 23.79
N ARG B 125 7.51 1.02 23.21
CA ARG B 125 7.84 -0.17 22.42
C ARG B 125 7.28 -0.02 21.04
N LEU B 126 8.02 -0.52 20.04
CA LEU B 126 7.52 -0.59 18.67
C LEU B 126 7.83 -2.00 18.21
N ILE B 127 6.79 -2.81 18.11
CA ILE B 127 6.91 -4.21 17.82
C ILE B 127 6.44 -4.48 16.42
N ARG B 128 7.28 -5.11 15.62
CA ARG B 128 6.92 -5.40 14.25
C ARG B 128 6.27 -6.78 14.21
N LEU B 129 5.08 -6.88 13.59
CA LEU B 129 4.42 -8.16 13.44
C LEU B 129 3.95 -8.42 12.02
N LYS B 130 3.91 -9.69 11.65
CA LYS B 130 3.20 -10.12 10.46
C LYS B 130 1.78 -10.47 10.90
N PRO B 131 0.78 -9.84 10.30
CA PRO B 131 -0.61 -10.17 10.63
C PRO B 131 -0.99 -11.60 10.36
N LEU B 132 -1.72 -12.23 11.27
CA LEU B 132 -2.24 -13.57 11.05
C LEU B 132 -3.75 -13.60 10.93
N LYS B 133 -4.27 -14.60 10.24
CA LYS B 133 -5.71 -14.83 10.23
C LYS B 133 -6.01 -15.39 11.59
N PRO B 134 -6.81 -14.68 12.44
CA PRO B 134 -6.99 -15.10 13.86
C PRO B 134 -7.43 -16.58 14.08
N GLY B 135 -6.53 -17.52 13.73
CA GLY B 135 -6.54 -18.96 14.08
C GLY B 135 -5.13 -19.35 14.53
N MLY B 136 -5.01 -19.88 15.76
CA MLY B 136 -3.70 -20.33 16.31
CB MLY B 136 -3.39 -19.60 17.62
CG MLY B 136 -1.94 -19.77 18.13
CD MLY B 136 -1.82 -19.33 19.58
CE MLY B 136 -3.17 -19.20 20.31
NZ MLY B 136 -3.70 -17.84 20.36
CH1 MLY B 136 -2.58 -16.94 20.63
CH2 MLY B 136 -4.69 -17.74 21.43
C MLY B 136 -3.67 -21.85 16.54
O MLY B 136 -4.15 -22.63 15.69
N MSE C 2 14.13 -15.80 33.24
CA MSE C 2 13.25 -14.64 33.59
C MSE C 2 12.24 -15.02 34.68
O MSE C 2 11.43 -15.95 34.46
CB MSE C 2 12.50 -14.14 32.33
CG MSE C 2 11.94 -12.66 32.37
SE MSE C 2 13.09 -11.08 31.73
CE MSE C 2 14.37 -11.93 30.42
N THR C 3 12.31 -14.33 35.84
CA THR C 3 11.14 -14.16 36.76
C THR C 3 10.16 -13.17 36.10
N GLY C 4 9.24 -13.73 35.32
CA GLY C 4 8.30 -12.93 34.64
C GLY C 4 7.00 -12.86 35.37
N HIS C 5 6.09 -12.12 34.78
CA HIS C 5 4.78 -11.97 35.28
C HIS C 5 3.93 -12.96 34.56
N ILE C 6 3.32 -13.84 35.33
CA ILE C 6 2.51 -14.92 34.80
C ILE C 6 1.04 -14.71 35.14
N ASP C 7 0.76 -14.34 36.37
CA ASP C 7 -0.61 -14.22 36.84
C ASP C 7 -0.89 -12.82 37.37
N PRO C 8 -2.15 -12.44 37.40
CA PRO C 8 -2.54 -11.16 38.01
C PRO C 8 -2.52 -11.31 39.52
N THR C 9 -2.25 -10.22 40.22
CA THR C 9 -2.33 -10.18 41.67
C THR C 9 -3.81 -9.94 42.12
N LYS C 10 -4.11 -10.31 43.37
CA LYS C 10 -5.48 -10.09 43.93
C LYS C 10 -5.90 -8.62 43.79
N GLU C 11 -4.98 -7.75 44.15
CA GLU C 11 -5.27 -6.31 44.26
CA GLU C 11 -5.25 -6.33 44.29
C GLU C 11 -5.62 -5.71 42.92
N VAL C 12 -4.83 -6.05 41.91
CA VAL C 12 -5.03 -5.57 40.56
C VAL C 12 -6.28 -6.17 39.92
N PHE C 13 -6.56 -7.43 40.18
CA PHE C 13 -7.82 -7.99 39.68
C PHE C 13 -9.03 -7.31 40.32
N ALA C 14 -8.88 -6.85 41.56
CA ALA C 14 -9.94 -6.09 42.21
C ALA C 14 -10.17 -4.78 41.44
N GLN C 15 -9.07 -4.14 41.05
CA GLN C 15 -9.13 -2.94 40.26
C GLN C 15 -9.83 -3.15 38.91
N PHE C 16 -9.59 -4.30 38.28
CA PHE C 16 -10.23 -4.70 37.02
C PHE C 16 -11.74 -4.76 37.21
N ARG C 17 -12.19 -5.47 38.24
CA ARG C 17 -13.60 -5.58 38.55
CA ARG C 17 -13.61 -5.58 38.57
C ARG C 17 -14.21 -4.23 38.93
N ALA C 18 -13.45 -3.42 39.66
CA ALA C 18 -13.93 -2.07 40.10
C ALA C 18 -14.32 -1.19 38.88
N ASN C 19 -13.56 -1.30 37.80
CA ASN C 19 -13.83 -0.55 36.63
C ASN C 19 -14.75 -1.33 35.68
N ASP C 20 -16.04 -1.25 35.93
CA ASP C 20 -16.98 -2.08 35.22
C ASP C 20 -17.81 -1.30 34.22
N ARG C 21 -17.23 -0.29 33.60
CA ARG C 21 -17.98 0.55 32.67
C ARG C 21 -18.49 -0.31 31.51
N GLU C 22 -19.70 -0.01 31.08
CA GLU C 22 -20.28 -0.76 29.99
C GLU C 22 -19.45 -0.54 28.69
N GLY C 23 -19.22 -1.65 28.00
CA GLY C 23 -18.63 -1.60 26.68
C GLY C 23 -17.60 -2.69 26.56
N PRO C 24 -17.25 -3.08 25.34
CA PRO C 24 -16.25 -4.09 25.13
C PRO C 24 -14.95 -3.70 25.78
N ILE C 25 -14.18 -4.71 26.13
CA ILE C 25 -12.86 -4.60 26.63
C ILE C 25 -12.01 -5.37 25.64
N HIS C 26 -10.85 -4.82 25.32
CA HIS C 26 -9.87 -5.47 24.48
C HIS C 26 -8.68 -5.81 25.31
N MSE C 27 -8.29 -7.06 25.26
CA MSE C 27 -7.24 -7.57 26.08
C MSE C 27 -6.03 -7.90 25.18
O MSE C 27 -6.02 -8.91 24.45
CB MSE C 27 -7.72 -8.81 26.80
CG MSE C 27 -8.96 -8.59 27.64
SE MSE C 27 -8.72 -7.33 29.06
CE MSE C 27 -7.57 -8.35 30.21
N LEU C 28 -5.02 -7.03 25.24
CA LEU C 28 -3.78 -7.22 24.49
C LEU C 28 -2.88 -8.15 25.27
N ASN C 29 -2.56 -9.28 24.66
CA ASN C 29 -1.74 -10.32 25.30
C ASN C 29 -0.34 -10.34 24.64
N LEU C 30 0.71 -10.15 25.42
CA LEU C 30 2.08 -10.39 24.95
C LEU C 30 2.57 -11.62 25.72
N VAL C 31 2.83 -12.73 25.05
CA VAL C 31 3.20 -13.94 25.79
C VAL C 31 4.55 -14.51 25.40
N ARG C 32 5.41 -14.73 26.38
N ARG C 32 5.41 -14.73 26.39
CA ARG C 32 6.69 -15.35 26.14
CA ARG C 32 6.69 -15.35 26.17
C ARG C 32 6.70 -16.73 26.80
C ARG C 32 6.66 -16.73 26.79
N LEU C 33 6.89 -17.77 25.99
CA LEU C 33 6.79 -19.13 26.47
C LEU C 33 8.11 -19.71 26.98
N ARG C 34 8.01 -20.59 27.98
CA ARG C 34 9.16 -21.37 28.42
C ARG C 34 9.55 -22.37 27.36
N PRO C 35 10.83 -22.61 27.19
CA PRO C 35 11.27 -23.74 26.35
C PRO C 35 10.68 -25.02 26.91
N ARG C 36 10.89 -25.25 28.20
CA ARG C 36 10.33 -26.42 28.88
C ARG C 36 9.22 -25.97 29.86
N ALA C 37 8.04 -26.58 29.73
CA ALA C 37 6.91 -26.29 30.60
C ALA C 37 7.20 -26.68 32.06
N ALA C 38 6.81 -25.82 33.01
CA ALA C 38 7.00 -26.05 34.45
C ALA C 38 5.69 -26.45 35.17
N TYR C 39 5.28 -27.69 35.01
CA TYR C 39 4.18 -28.23 35.80
C TYR C 39 4.65 -28.70 37.20
N PRO C 40 3.76 -28.63 38.22
CA PRO C 40 4.05 -29.18 39.56
C PRO C 40 4.53 -30.62 39.49
N ASP C 41 3.85 -31.44 38.70
CA ASP C 41 4.21 -32.86 38.57
C ASP C 41 5.48 -33.16 37.75
N GLY C 42 6.24 -32.14 37.37
CA GLY C 42 7.52 -32.31 36.68
C GLY C 42 7.51 -32.90 35.27
N ARG C 43 6.32 -33.19 34.72
CA ARG C 43 6.20 -33.83 33.41
C ARG C 43 6.86 -32.99 32.31
N GLU C 44 7.40 -33.65 31.31
CA GLU C 44 8.20 -33.03 30.28
C GLU C 44 7.32 -32.72 29.06
N THR C 45 7.09 -31.43 28.79
CA THR C 45 6.53 -30.98 27.51
C THR C 45 7.07 -29.59 27.22
N THR C 46 6.92 -29.12 25.99
CA THR C 46 7.37 -27.76 25.68
C THR C 46 6.34 -26.71 26.16
N GLY C 47 6.78 -25.47 26.34
CA GLY C 47 5.86 -24.39 26.64
C GLY C 47 4.76 -24.25 25.59
N ALA C 48 5.11 -24.39 24.31
CA ALA C 48 4.15 -24.39 23.21
C ALA C 48 3.09 -25.47 23.39
N GLU C 49 3.52 -26.68 23.69
CA GLU C 49 2.57 -27.75 23.88
C GLU C 49 1.58 -27.42 25.03
N ALA C 50 2.09 -26.89 26.14
CA ALA C 50 1.24 -26.58 27.30
C ALA C 50 0.33 -25.40 27.01
N TYR C 51 0.85 -24.39 26.33
CA TYR C 51 0.04 -23.26 25.92
C TYR C 51 -1.07 -23.67 24.96
N ALA C 52 -0.77 -24.61 24.07
CA ALA C 52 -1.78 -25.20 23.18
C ALA C 52 -2.89 -25.82 24.02
N ALA C 53 -2.51 -26.65 24.98
CA ALA C 53 -3.50 -27.32 25.82
C ALA C 53 -4.39 -26.24 26.51
N TYR C 54 -3.79 -25.18 27.07
CA TYR C 54 -4.53 -24.06 27.65
C TYR C 54 -5.60 -23.54 26.68
N GLY C 55 -5.12 -23.20 25.48
CA GLY C 55 -5.97 -22.80 24.37
C GLY C 55 -7.11 -23.76 24.07
N ARG C 56 -6.78 -25.03 23.83
N ARG C 56 -6.84 -25.04 23.81
CA ARG C 56 -7.76 -26.07 23.51
CA ARG C 56 -7.93 -25.91 23.39
C ARG C 56 -8.88 -26.06 24.53
C ARG C 56 -8.90 -26.28 24.53
N ASP C 57 -8.48 -26.13 25.78
CA ASP C 57 -9.38 -26.37 26.90
C ASP C 57 -10.14 -25.12 27.31
N SER C 58 -9.55 -23.94 27.11
CA SER C 58 -10.20 -22.69 27.51
C SER C 58 -11.06 -22.06 26.40
N GLY C 59 -10.73 -22.38 25.14
CA GLY C 59 -11.51 -21.91 23.99
C GLY C 59 -13.02 -21.96 24.13
N PRO C 60 -13.58 -23.12 24.48
CA PRO C 60 -15.03 -23.17 24.53
C PRO C 60 -15.62 -22.26 25.57
N VAL C 61 -14.91 -22.04 26.66
CA VAL C 61 -15.46 -21.24 27.74
C VAL C 61 -15.49 -19.81 27.29
N SER C 62 -14.37 -19.38 26.73
CA SER C 62 -14.29 -18.05 26.17
C SER C 62 -15.41 -17.77 25.16
N GLU C 63 -15.58 -18.73 24.26
CA GLU C 63 -16.48 -18.58 23.13
C GLU C 63 -17.91 -18.44 23.61
N ARG C 64 -18.25 -19.24 24.59
CA ARG C 64 -19.58 -19.31 25.14
C ARG C 64 -19.98 -17.97 25.75
N LEU C 65 -19.02 -17.27 26.30
CA LEU C 65 -19.22 -16.00 26.99
C LEU C 65 -18.91 -14.75 26.15
N GLY C 66 -18.64 -14.90 24.87
CA GLY C 66 -18.50 -13.76 23.97
C GLY C 66 -17.06 -13.39 23.62
N GLY C 67 -16.09 -14.10 24.17
CA GLY C 67 -14.71 -13.87 23.80
C GLY C 67 -14.45 -14.19 22.32
N MLY C 68 -13.57 -13.41 21.71
CA MLY C 68 -13.14 -13.64 20.36
CB MLY C 68 -14.16 -13.13 19.35
CG MLY C 68 -14.64 -11.73 19.62
CD MLY C 68 -15.97 -11.48 18.95
CE MLY C 68 -15.95 -10.17 18.15
NZ MLY C 68 -17.17 -9.34 18.33
CH1 MLY C 68 -18.41 -10.12 18.10
CH2 MLY C 68 -17.15 -8.18 17.42
C MLY C 68 -11.79 -12.96 20.17
O MLY C 68 -11.54 -11.88 20.68
N VAL C 69 -10.91 -13.64 19.47
CA VAL C 69 -9.67 -13.07 19.08
C VAL C 69 -9.93 -12.21 17.90
N VAL C 70 -9.73 -10.88 18.05
CA VAL C 70 -10.00 -9.95 16.97
C VAL C 70 -8.76 -9.52 16.19
N TRP C 71 -7.59 -9.79 16.68
CA TRP C 71 -6.35 -9.52 15.94
C TRP C 71 -5.25 -10.36 16.48
N GLN C 72 -4.37 -10.76 15.59
CA GLN C 72 -3.28 -11.66 15.98
C GLN C 72 -2.11 -11.43 15.02
N GLY C 73 -0.90 -11.41 15.55
CA GLY C 73 0.31 -11.18 14.73
C GLY C 73 1.48 -12.04 15.14
N GLN C 74 2.31 -12.38 14.18
CA GLN C 74 3.53 -13.11 14.44
C GLN C 74 4.65 -12.11 14.69
N PHE C 75 5.31 -12.25 15.83
CA PHE C 75 6.37 -11.35 16.22
C PHE C 75 7.49 -11.44 15.24
N GLU C 76 7.97 -10.31 14.70
CA GLU C 76 9.12 -10.30 13.80
C GLU C 76 10.31 -9.51 14.34
N LEU C 77 10.08 -8.42 15.04
CA LEU C 77 11.19 -7.60 15.56
C LEU C 77 10.74 -6.63 16.60
N MSE C 78 11.59 -6.46 17.63
CA MSE C 78 11.46 -5.34 18.58
C MSE C 78 12.24 -4.18 17.96
O MSE C 78 13.43 -4.09 18.12
CB MSE C 78 12.01 -5.71 19.94
CG MSE C 78 11.90 -4.58 20.98
SE MSE C 78 10.05 -4.32 21.55
CE MSE C 78 9.53 -6.11 22.07
N LEU C 79 11.56 -3.32 17.20
CA LEU C 79 12.26 -2.24 16.49
C LEU C 79 12.66 -1.13 17.45
N ILE C 80 11.78 -0.82 18.41
CA ILE C 80 12.12 0.08 19.51
C ILE C 80 11.77 -0.61 20.80
N GLY C 81 12.76 -0.73 21.64
CA GLY C 81 12.64 -1.53 22.85
C GLY C 81 13.96 -2.22 23.09
N PRO C 82 14.05 -2.95 24.17
CA PRO C 82 15.25 -3.73 24.47
C PRO C 82 15.31 -5.03 23.69
N GLN C 83 16.45 -5.44 23.19
CA GLN C 83 16.46 -6.70 22.41
C GLN C 83 16.15 -7.97 23.20
N ASP C 84 16.30 -7.95 24.51
CA ASP C 84 15.90 -9.11 25.31
C ASP C 84 14.36 -9.29 25.37
N GLU C 85 13.57 -8.28 25.00
CA GLU C 85 12.12 -8.48 24.92
C GLU C 85 11.77 -9.14 23.58
N HIS C 86 11.15 -10.31 23.67
CA HIS C 86 10.52 -10.93 22.52
C HIS C 86 9.30 -11.68 23.00
N TRP C 87 8.35 -11.88 22.11
CA TRP C 87 7.09 -12.48 22.46
C TRP C 87 6.79 -13.55 21.44
N ASP C 88 6.26 -14.67 21.91
CA ASP C 88 5.95 -15.82 21.08
C ASP C 88 4.51 -15.72 20.57
N HIS C 89 3.61 -15.17 21.38
CA HIS C 89 2.24 -14.97 20.96
C HIS C 89 1.86 -13.52 21.21
N VAL C 90 1.22 -12.89 20.23
CA VAL C 90 0.76 -11.53 20.39
C VAL C 90 -0.62 -11.43 19.76
N PHE C 91 -1.62 -11.12 20.56
CA PHE C 91 -3.03 -11.03 20.10
C PHE C 91 -3.86 -10.14 21.01
N ILE C 92 -5.03 -9.79 20.46
CA ILE C 92 -6.05 -9.04 21.19
C ILE C 92 -7.30 -9.85 21.21
N ALA C 93 -7.83 -10.06 22.42
CA ALA C 93 -9.09 -10.81 22.65
C ALA C 93 -10.07 -9.73 23.01
N GLU C 94 -11.24 -9.74 22.41
CA GLU C 94 -12.35 -8.86 22.83
C GLU C 94 -13.33 -9.63 23.70
N TYR C 95 -13.86 -9.01 24.75
CA TYR C 95 -14.97 -9.58 25.51
C TYR C 95 -16.03 -8.51 25.57
N PRO C 96 -17.29 -8.89 25.67
CA PRO C 96 -18.31 -7.87 25.50
C PRO C 96 -18.49 -7.03 26.75
N SER C 97 -17.92 -7.51 27.84
CA SER C 97 -18.08 -6.83 29.11
C SER C 97 -17.00 -7.35 30.04
N VAL C 98 -16.79 -6.60 31.13
CA VAL C 98 -15.93 -7.01 32.17
C VAL C 98 -16.51 -8.28 32.82
N ALA C 99 -17.82 -8.31 32.99
CA ALA C 99 -18.48 -9.43 33.63
C ALA C 99 -18.24 -10.71 32.83
N ALA C 100 -18.17 -10.61 31.51
CA ALA C 100 -17.99 -11.82 30.71
C ALA C 100 -16.64 -12.41 31.05
N PHE C 101 -15.65 -11.54 31.20
CA PHE C 101 -14.31 -11.97 31.44
C PHE C 101 -14.17 -12.55 32.83
N VAL C 102 -14.86 -11.97 33.81
CA VAL C 102 -14.82 -12.51 35.17
C VAL C 102 -15.48 -13.92 35.20
N GLU C 103 -16.56 -14.07 34.47
CA GLU C 103 -17.27 -15.32 34.48
C GLU C 103 -16.36 -16.41 33.92
N MSE C 104 -15.61 -16.08 32.88
CA MSE C 104 -14.67 -17.03 32.28
C MSE C 104 -13.61 -17.45 33.29
O MSE C 104 -13.24 -18.62 33.42
CB MSE C 104 -13.97 -16.41 31.08
CG MSE C 104 -12.74 -17.18 30.60
SE MSE C 104 -11.98 -16.51 28.94
CE MSE C 104 -10.87 -15.13 29.74
N ILE C 105 -13.09 -16.45 33.98
CA ILE C 105 -12.05 -16.69 34.95
C ILE C 105 -12.56 -17.55 36.10
N ARG C 106 -13.86 -17.48 36.38
CA ARG C 106 -14.41 -18.25 37.47
C ARG C 106 -14.88 -19.63 37.07
N ASP C 107 -14.99 -19.86 35.78
CA ASP C 107 -15.54 -21.11 35.30
C ASP C 107 -14.61 -22.31 35.66
N PRO C 108 -15.17 -23.39 36.21
CA PRO C 108 -14.36 -24.50 36.63
C PRO C 108 -13.55 -25.13 35.51
N VAL C 109 -14.11 -25.21 34.32
CA VAL C 109 -13.32 -25.70 33.21
C VAL C 109 -12.15 -24.76 32.91
N TYR C 110 -12.37 -23.45 32.98
CA TYR C 110 -11.27 -22.48 32.75
C TYR C 110 -10.24 -22.57 33.83
N ARG C 111 -10.69 -22.67 35.08
CA ARG C 111 -9.75 -22.72 36.21
CA ARG C 111 -9.79 -22.75 36.24
C ARG C 111 -8.82 -23.92 36.15
N GLU C 112 -9.22 -25.00 35.49
CA GLU C 112 -8.31 -26.13 35.17
C GLU C 112 -7.42 -25.82 33.95
N ALA C 113 -8.01 -25.29 32.91
CA ALA C 113 -7.25 -24.99 31.69
C ALA C 113 -6.08 -24.07 31.98
N VAL C 114 -6.30 -23.10 32.87
CA VAL C 114 -5.29 -22.09 33.14
C VAL C 114 -4.06 -22.68 33.84
N MLZ C 115 -4.23 -23.81 34.50
CA MLZ C 115 -3.07 -24.52 35.01
CB MLZ C 115 -3.51 -25.79 35.72
CG MLZ C 115 -4.32 -25.48 37.00
CD MLZ C 115 -4.85 -26.75 37.61
CE MLZ C 115 -5.49 -26.44 38.87
NZ MLZ C 115 -5.99 -27.67 39.54
CM MLZ C 115 -6.38 -27.41 40.94
C MLZ C 115 -2.02 -24.79 33.90
O MLZ C 115 -0.81 -24.77 34.15
N HIS C 116 -2.48 -24.96 32.66
CA HIS C 116 -1.52 -25.08 31.56
C HIS C 116 -0.84 -23.74 31.25
N ARG C 117 -1.56 -22.64 31.34
CA ARG C 117 -0.94 -21.34 31.05
C ARG C 117 0.15 -21.11 32.08
N GLN C 118 -0.17 -21.43 33.32
CA GLN C 118 0.75 -21.24 34.43
C GLN C 118 2.04 -21.99 34.20
N ALA C 119 1.93 -23.18 33.62
CA ALA C 119 3.11 -24.00 33.31
C ALA C 119 3.86 -23.49 32.07
N ALA C 120 3.14 -22.88 31.14
CA ALA C 120 3.71 -22.51 29.82
C ALA C 120 4.49 -21.21 29.86
N VAL C 121 3.98 -20.24 30.63
CA VAL C 121 4.37 -18.86 30.40
C VAL C 121 5.61 -18.50 31.22
N GLU C 122 6.62 -17.99 30.53
CA GLU C 122 7.82 -17.51 31.20
C GLU C 122 7.66 -16.06 31.66
N ASP C 123 6.98 -15.26 30.86
CA ASP C 123 6.72 -13.84 31.16
C ASP C 123 5.63 -13.41 30.20
N SER C 124 4.82 -12.46 30.61
CA SER C 124 3.70 -11.99 29.77
C SER C 124 3.24 -10.63 30.19
N ARG C 125 2.47 -10.00 29.31
CA ARG C 125 1.67 -8.84 29.65
C ARG C 125 0.26 -9.08 29.23
N LEU C 126 -0.69 -8.58 30.02
CA LEU C 126 -2.09 -8.59 29.65
C LEU C 126 -2.55 -7.19 29.97
N ILE C 127 -2.77 -6.41 28.92
CA ILE C 127 -3.10 -5.01 29.03
C ILE C 127 -4.54 -4.81 28.65
N ARG C 128 -5.30 -4.15 29.52
CA ARG C 128 -6.71 -3.98 29.28
C ARG C 128 -6.90 -2.66 28.62
N LEU C 129 -7.62 -2.63 27.49
CA LEU C 129 -7.91 -1.39 26.80
C LEU C 129 -9.37 -1.21 26.48
N MLZ C 130 -9.82 0.03 26.40
CA MLZ C 130 -11.12 0.36 25.81
CB MLZ C 130 -11.78 1.54 26.52
CG MLZ C 130 -12.89 2.29 25.74
CD MLZ C 130 -13.65 3.17 26.69
CE MLZ C 130 -14.09 4.39 26.10
NZ MLZ C 130 -13.82 5.60 26.97
CM MLZ C 130 -13.84 6.89 26.21
C MLZ C 130 -10.85 0.68 24.34
O MLZ C 130 -10.12 1.62 24.06
N PRO C 131 -11.43 -0.09 23.42
CA PRO C 131 -11.33 0.23 21.99
C PRO C 131 -11.73 1.65 21.63
N LEU C 132 -10.97 2.29 20.76
CA LEU C 132 -11.29 3.62 20.21
C LEU C 132 -11.55 3.54 18.71
N LYS C 133 -12.34 4.46 18.17
CA LYS C 133 -12.39 4.63 16.69
C LYS C 133 -11.00 5.08 16.25
N PRO C 134 -10.30 4.29 15.39
CA PRO C 134 -8.96 4.71 14.89
C PRO C 134 -8.92 6.10 14.18
N GLY C 135 -9.21 7.14 14.95
CA GLY C 135 -8.94 8.58 14.67
C GLY C 135 -8.81 9.18 16.08
N MLY C 136 -7.59 9.65 16.45
CA MLY C 136 -7.16 9.93 17.87
CB MLY C 136 -6.18 11.15 17.97
CG MLY C 136 -4.66 10.90 17.89
CD MLY C 136 -4.07 10.09 19.06
CE MLY C 136 -2.66 9.59 18.71
NZ MLY C 136 -2.57 8.29 18.01
CH1 MLY C 136 -1.75 7.40 18.81
CH2 MLY C 136 -1.98 8.37 16.67
C MLY C 136 -8.29 10.09 18.92
O MLY C 136 -8.65 9.15 19.64
N MSE D 2 -14.67 15.21 -13.18
CA MSE D 2 -14.17 15.53 -14.56
C MSE D 2 -15.33 15.63 -15.57
O MSE D 2 -16.13 14.68 -15.70
CB MSE D 2 -13.11 14.51 -15.06
N THR D 3 -15.42 16.79 -16.25
CA THR D 3 -16.01 16.90 -17.63
C THR D 3 -14.91 16.49 -18.67
N GLY D 4 -14.71 15.18 -18.79
CA GLY D 4 -13.68 14.67 -19.68
C GLY D 4 -14.18 14.18 -21.02
N HIS D 5 -13.31 13.48 -21.71
CA HIS D 5 -13.59 13.05 -23.05
C HIS D 5 -14.06 11.62 -23.02
N ILE D 6 -15.26 11.44 -23.55
CA ILE D 6 -15.96 10.19 -23.51
C ILE D 6 -16.13 9.64 -24.90
N ASP D 7 -16.53 10.50 -25.82
CA ASP D 7 -16.75 10.07 -27.21
C ASP D 7 -15.85 10.76 -28.21
N PRO D 8 -15.69 10.18 -29.38
CA PRO D 8 -14.95 10.87 -30.42
C PRO D 8 -15.86 11.90 -31.08
N THR D 9 -15.28 12.97 -31.62
CA THR D 9 -16.07 13.92 -32.40
C THR D 9 -16.22 13.41 -33.84
N LYS D 10 -17.24 13.90 -34.53
CA LYS D 10 -17.46 13.42 -35.90
C LYS D 10 -16.27 13.79 -36.83
N GLU D 11 -15.69 14.95 -36.60
N GLU D 11 -15.67 14.96 -36.63
CA GLU D 11 -14.61 15.47 -37.42
CA GLU D 11 -14.59 15.39 -37.50
C GLU D 11 -13.37 14.56 -37.34
C GLU D 11 -13.36 14.50 -37.36
N VAL D 12 -13.02 14.18 -36.12
CA VAL D 12 -11.87 13.32 -35.82
C VAL D 12 -12.12 11.89 -36.25
N PHE D 13 -13.34 11.39 -36.10
CA PHE D 13 -13.60 10.06 -36.65
C PHE D 13 -13.48 10.04 -38.17
N ALA D 14 -13.77 11.18 -38.82
CA ALA D 14 -13.60 11.26 -40.27
C ALA D 14 -12.10 11.12 -40.61
N GLN D 15 -11.25 11.78 -39.84
CA GLN D 15 -9.82 11.64 -39.95
C GLN D 15 -9.33 10.18 -39.77
N PHE D 16 -9.97 9.44 -38.85
CA PHE D 16 -9.63 8.05 -38.58
C PHE D 16 -9.88 7.22 -39.84
N ARG D 17 -11.09 7.35 -40.39
N ARG D 17 -11.09 7.32 -40.39
CA ARG D 17 -11.48 6.70 -41.61
CA ARG D 17 -11.45 6.67 -41.64
C ARG D 17 -10.64 7.15 -42.81
C ARG D 17 -10.55 7.13 -42.78
N ALA D 18 -10.20 8.41 -42.80
CA ALA D 18 -9.39 8.99 -43.92
C ALA D 18 -8.02 8.29 -44.06
N ASN D 19 -7.43 7.92 -42.91
CA ASN D 19 -6.18 7.26 -42.87
C ASN D 19 -6.38 5.75 -42.83
N ASP D 20 -6.58 5.17 -44.00
CA ASP D 20 -6.99 3.78 -44.10
C ASP D 20 -5.88 2.89 -44.57
N ARG D 21 -4.65 3.21 -44.23
CA ARG D 21 -3.49 2.43 -44.69
C ARG D 21 -3.62 0.99 -44.22
N GLU D 22 -3.20 0.07 -45.08
CA GLU D 22 -3.30 -1.33 -44.75
C GLU D 22 -2.36 -1.64 -43.57
N GLY D 23 -2.89 -2.45 -42.65
CA GLY D 23 -2.09 -2.98 -41.56
C GLY D 23 -2.87 -2.86 -40.27
N PRO D 24 -2.49 -3.62 -39.27
CA PRO D 24 -3.15 -3.59 -38.02
C PRO D 24 -3.03 -2.22 -37.43
N ILE D 25 -3.99 -1.91 -36.57
CA ILE D 25 -4.06 -0.72 -35.81
C ILE D 25 -4.13 -1.19 -34.36
N HIS D 26 -3.39 -0.52 -33.49
CA HIS D 26 -3.42 -0.74 -32.06
C HIS D 26 -4.08 0.45 -31.44
N MSE D 27 -5.04 0.16 -30.58
CA MSE D 27 -5.85 1.13 -29.93
C MSE D 27 -5.50 1.09 -28.44
O MSE D 27 -5.89 0.17 -27.71
CB MSE D 27 -7.30 0.79 -30.15
CG MSE D 27 -7.71 0.73 -31.59
SE MSE D 27 -7.32 2.33 -32.62
CE MSE D 27 -8.79 3.42 -32.01
N LEU D 28 -4.76 2.10 -28.01
CA LEU D 28 -4.40 2.25 -26.59
C LEU D 28 -5.54 2.99 -25.90
N ASN D 29 -6.18 2.31 -24.95
CA ASN D 29 -7.30 2.86 -24.18
C ASN D 29 -6.85 3.24 -22.76
N LEU D 30 -7.11 4.47 -22.34
CA LEU D 30 -6.94 4.87 -20.95
C LEU D 30 -8.33 5.26 -20.41
N VAL D 31 -8.89 4.51 -19.46
CA VAL D 31 -10.26 4.77 -19.05
C VAL D 31 -10.41 5.07 -17.56
N ARG D 32 -10.96 6.24 -17.22
CA ARG D 32 -11.29 6.58 -15.84
C ARG D 32 -12.78 6.42 -15.67
N LEU D 33 -13.21 5.52 -14.81
CA LEU D 33 -14.63 5.23 -14.67
C LEU D 33 -15.28 6.17 -13.64
N ARG D 34 -16.55 6.51 -13.85
CA ARG D 34 -17.22 7.33 -12.86
C ARG D 34 -17.69 6.44 -11.72
N PRO D 35 -17.67 6.95 -10.49
CA PRO D 35 -18.15 6.17 -9.33
C PRO D 35 -19.58 5.70 -9.53
N ARG D 36 -20.45 6.64 -9.87
CA ARG D 36 -21.84 6.31 -10.19
C ARG D 36 -22.07 6.51 -11.71
N ALA D 37 -22.56 5.47 -12.36
CA ALA D 37 -22.92 5.50 -13.78
C ALA D 37 -24.02 6.54 -14.10
N ALA D 38 -23.81 7.31 -15.15
CA ALA D 38 -24.73 8.35 -15.60
C ALA D 38 -25.54 7.88 -16.81
N TYR D 39 -26.51 7.02 -16.56
CA TYR D 39 -27.50 6.63 -17.59
C TYR D 39 -28.59 7.73 -17.73
N PRO D 40 -29.23 7.82 -18.91
CA PRO D 40 -30.31 8.79 -19.11
C PRO D 40 -31.55 8.44 -18.27
N ASP D 41 -31.98 7.18 -18.32
CA ASP D 41 -32.92 6.68 -17.30
C ASP D 41 -32.12 6.80 -16.00
N GLY D 42 -32.76 6.93 -14.87
CA GLY D 42 -31.99 7.29 -13.69
C GLY D 42 -31.16 6.18 -13.06
N ARG D 43 -31.20 4.98 -13.64
CA ARG D 43 -30.77 3.77 -12.92
C ARG D 43 -29.48 3.97 -12.15
N GLU D 44 -29.40 3.33 -11.00
CA GLU D 44 -28.29 3.54 -10.10
C GLU D 44 -27.40 2.31 -10.20
N THR D 45 -26.20 2.50 -10.72
CA THR D 45 -25.21 1.42 -10.76
C THR D 45 -23.80 2.00 -10.82
N THR D 46 -22.80 1.20 -10.51
CA THR D 46 -21.43 1.72 -10.52
C THR D 46 -20.91 1.83 -11.94
N GLY D 47 -19.97 2.74 -12.16
CA GLY D 47 -19.29 2.82 -13.43
C GLY D 47 -18.68 1.49 -13.87
N ALA D 48 -18.10 0.75 -12.92
CA ALA D 48 -17.51 -0.56 -13.16
C ALA D 48 -18.54 -1.54 -13.67
N GLU D 49 -19.67 -1.58 -13.00
CA GLU D 49 -20.75 -2.46 -13.45
C GLU D 49 -21.18 -2.10 -14.89
N ALA D 50 -21.28 -0.80 -15.19
CA ALA D 50 -21.69 -0.35 -16.52
C ALA D 50 -20.63 -0.66 -17.59
N TYR D 51 -19.36 -0.47 -17.24
CA TYR D 51 -18.28 -0.77 -18.16
C TYR D 51 -18.26 -2.28 -18.43
N ALA D 52 -18.48 -3.09 -17.40
CA ALA D 52 -18.59 -4.54 -17.55
C ALA D 52 -19.68 -4.89 -18.56
N ALA D 53 -20.85 -4.29 -18.42
CA ALA D 53 -21.93 -4.56 -19.35
C ALA D 53 -21.50 -4.22 -20.80
N TYR D 54 -20.86 -3.06 -20.99
CA TYR D 54 -20.32 -2.66 -22.29
C TYR D 54 -19.44 -3.75 -22.87
N GLY D 55 -18.46 -4.19 -22.06
CA GLY D 55 -17.59 -5.31 -22.41
C GLY D 55 -18.38 -6.58 -22.74
N ARG D 56 -19.24 -6.99 -21.83
N ARG D 56 -19.22 -6.98 -21.82
CA ARG D 56 -20.01 -8.22 -22.02
CA ARG D 56 -20.09 -8.13 -21.98
C ARG D 56 -20.73 -8.16 -23.37
C ARG D 56 -20.72 -8.14 -23.35
N ASP D 57 -21.34 -7.03 -23.71
CA ASP D 57 -22.17 -6.96 -24.91
C ASP D 57 -21.43 -6.61 -26.20
N SER D 58 -20.25 -6.00 -26.10
CA SER D 58 -19.46 -5.66 -27.30
C SER D 58 -18.42 -6.71 -27.68
N GLY D 59 -18.02 -7.52 -26.72
CA GLY D 59 -17.03 -8.57 -26.95
C GLY D 59 -17.27 -9.36 -28.20
N PRO D 60 -18.47 -9.93 -28.36
CA PRO D 60 -18.69 -10.78 -29.52
C PRO D 60 -18.59 -10.07 -30.86
N VAL D 61 -18.94 -8.79 -30.89
CA VAL D 61 -18.88 -8.04 -32.14
C VAL D 61 -17.41 -7.86 -32.49
N SER D 62 -16.64 -7.47 -31.49
CA SER D 62 -15.22 -7.23 -31.67
C SER D 62 -14.50 -8.49 -32.15
N GLU D 63 -14.82 -9.59 -31.46
CA GLU D 63 -14.22 -10.88 -31.73
C GLU D 63 -14.48 -11.33 -33.15
N ARG D 64 -15.73 -11.17 -33.57
CA ARG D 64 -16.19 -11.58 -34.88
C ARG D 64 -15.45 -10.82 -35.98
N LEU D 65 -15.13 -9.55 -35.75
CA LEU D 65 -14.42 -8.70 -36.73
C LEU D 65 -12.88 -8.61 -36.55
N GLY D 66 -12.28 -9.45 -35.73
CA GLY D 66 -10.83 -9.52 -35.59
C GLY D 66 -10.21 -8.77 -34.41
N GLY D 67 -11.01 -8.07 -33.62
CA GLY D 67 -10.50 -7.43 -32.44
C GLY D 67 -9.95 -8.46 -31.46
N MLY D 68 -8.90 -8.06 -30.75
CA MLY D 68 -8.35 -8.83 -29.66
CB MLY D 68 -7.53 -10.01 -30.20
CG MLY D 68 -6.26 -9.62 -30.89
CD MLY D 68 -5.73 -10.70 -31.82
CE MLY D 68 -4.55 -10.13 -32.63
NZ MLY D 68 -3.48 -11.05 -33.12
CH1 MLY D 68 -4.03 -12.03 -34.06
CH2 MLY D 68 -2.78 -11.72 -32.00
C MLY D 68 -7.56 -7.92 -28.72
O MLY D 68 -6.90 -6.99 -29.17
N VAL D 69 -7.67 -8.12 -27.42
CA VAL D 69 -6.90 -7.36 -26.47
C VAL D 69 -5.54 -8.00 -26.47
N VAL D 70 -4.52 -7.27 -26.91
CA VAL D 70 -3.17 -7.81 -26.99
C VAL D 70 -2.28 -7.43 -25.79
N TRP D 71 -2.66 -6.44 -25.00
CA TRP D 71 -1.94 -6.12 -23.75
C TRP D 71 -2.85 -5.40 -22.82
N GLN D 72 -2.67 -5.66 -21.54
CA GLN D 72 -3.50 -5.06 -20.51
C GLN D 72 -2.70 -4.92 -19.24
N GLY D 73 -2.89 -3.82 -18.51
CA GLY D 73 -2.19 -3.63 -17.25
C GLY D 73 -3.03 -2.99 -16.19
N GLN D 74 -2.71 -3.30 -14.94
CA GLN D 74 -3.35 -2.67 -13.79
C GLN D 74 -2.60 -1.40 -13.43
N PHE D 75 -3.29 -0.28 -13.35
CA PHE D 75 -2.63 0.98 -13.05
C PHE D 75 -2.07 0.94 -11.65
N GLU D 76 -0.79 1.32 -11.49
CA GLU D 76 -0.19 1.43 -10.16
C GLU D 76 0.29 2.84 -9.77
N LEU D 77 0.78 3.63 -10.69
CA LEU D 77 1.30 4.94 -10.34
C LEU D 77 1.51 5.82 -11.55
N MSE D 78 1.18 7.10 -11.39
CA MSE D 78 1.57 8.10 -12.37
C MSE D 78 2.94 8.61 -11.90
O MSE D 78 3.01 9.52 -11.09
CB MSE D 78 0.54 9.24 -12.45
CG MSE D 78 0.91 10.34 -13.43
SE MSE D 78 0.71 9.70 -15.26
CE MSE D 78 -1.10 9.03 -15.21
N LEU D 79 4.01 7.99 -12.39
CA LEU D 79 5.36 8.33 -11.94
C LEU D 79 5.80 9.67 -12.54
N ILE D 80 5.51 9.91 -13.82
CA ILE D 80 5.68 11.24 -14.41
C ILE D 80 4.34 11.69 -14.98
N GLY D 81 3.91 12.86 -14.54
CA GLY D 81 2.62 13.38 -14.94
C GLY D 81 1.95 13.95 -13.73
N PRO D 82 0.75 14.51 -13.90
CA PRO D 82 -0.03 15.08 -12.76
C PRO D 82 -0.67 14.02 -11.91
N GLN D 83 -0.75 14.18 -10.59
CA GLN D 83 -1.43 13.13 -9.78
C GLN D 83 -2.96 13.04 -9.94
N ASP D 84 -3.62 14.10 -10.40
CA ASP D 84 -5.06 13.98 -10.68
C ASP D 84 -5.33 13.01 -11.85
N GLU D 85 -4.29 12.62 -12.58
CA GLU D 85 -4.47 11.65 -13.65
C GLU D 85 -4.34 10.25 -13.08
N HIS D 86 -5.36 9.47 -13.28
CA HIS D 86 -5.34 8.08 -12.93
C HIS D 86 -6.33 7.33 -13.79
N TRP D 87 -6.06 6.07 -14.06
CA TRP D 87 -6.86 5.32 -14.99
C TRP D 87 -7.23 4.03 -14.34
N ASP D 88 -8.42 3.54 -14.65
CA ASP D 88 -8.96 2.32 -14.05
C ASP D 88 -8.75 1.14 -14.98
N HIS D 89 -8.84 1.39 -16.28
CA HIS D 89 -8.57 0.38 -17.25
C HIS D 89 -7.55 0.93 -18.22
N VAL D 90 -6.51 0.13 -18.48
CA VAL D 90 -5.49 0.50 -19.44
C VAL D 90 -5.20 -0.73 -20.27
N PHE D 91 -5.42 -0.65 -21.58
CA PHE D 91 -5.18 -1.81 -22.44
C PHE D 91 -4.97 -1.40 -23.86
N ILE D 92 -4.46 -2.36 -24.65
CA ILE D 92 -4.29 -2.16 -26.08
C ILE D 92 -5.10 -3.20 -26.82
N ALA D 93 -5.96 -2.75 -27.72
CA ALA D 93 -6.81 -3.64 -28.57
C ALA D 93 -6.19 -3.55 -29.91
N GLU D 94 -5.99 -4.67 -30.57
CA GLU D 94 -5.58 -4.69 -31.99
C GLU D 94 -6.79 -5.03 -32.88
N TYR D 95 -6.89 -4.36 -34.03
CA TYR D 95 -7.83 -4.73 -35.06
C TYR D 95 -7.01 -4.87 -36.30
N PRO D 96 -7.43 -5.72 -37.24
CA PRO D 96 -6.60 -6.00 -38.38
C PRO D 96 -6.65 -4.93 -39.45
N SER D 97 -7.62 -4.04 -39.35
CA SER D 97 -7.77 -2.96 -40.32
C SER D 97 -8.58 -1.85 -39.69
N VAL D 98 -8.50 -0.65 -40.27
CA VAL D 98 -9.39 0.42 -39.91
C VAL D 98 -10.82 0.00 -40.23
N ALA D 99 -11.00 -0.71 -41.33
CA ALA D 99 -12.34 -1.09 -41.76
C ALA D 99 -12.98 -2.01 -40.73
N ALA D 100 -12.17 -2.84 -40.05
CA ALA D 100 -12.74 -3.73 -39.07
C ALA D 100 -13.32 -2.93 -37.91
N PHE D 101 -12.59 -1.90 -37.52
CA PHE D 101 -12.98 -1.07 -36.41
C PHE D 101 -14.23 -0.32 -36.74
N VAL D 102 -14.31 0.18 -37.96
CA VAL D 102 -15.48 0.94 -38.38
C VAL D 102 -16.71 0.01 -38.41
N GLU D 103 -16.51 -1.22 -38.84
CA GLU D 103 -17.65 -2.11 -38.93
C GLU D 103 -18.15 -2.41 -37.52
N MSE D 104 -17.23 -2.54 -36.57
CA MSE D 104 -17.62 -2.71 -35.19
C MSE D 104 -18.48 -1.56 -34.69
O MSE D 104 -19.55 -1.80 -34.10
CB MSE D 104 -16.39 -2.80 -34.27
CG MSE D 104 -16.73 -2.79 -32.78
SE MSE D 104 -15.23 -3.30 -31.66
CE MSE D 104 -14.38 -1.56 -31.67
N ILE D 105 -18.03 -0.32 -34.90
CA ILE D 105 -18.76 0.77 -34.32
C ILE D 105 -20.07 1.05 -35.10
N ARG D 106 -20.24 0.42 -36.27
CA ARG D 106 -21.52 0.50 -36.99
C ARG D 106 -22.48 -0.62 -36.66
N ASP D 107 -22.01 -1.65 -35.99
CA ASP D 107 -22.84 -2.79 -35.66
C ASP D 107 -24.02 -2.42 -34.73
N PRO D 108 -25.24 -2.80 -35.12
CA PRO D 108 -26.36 -2.45 -34.24
C PRO D 108 -26.17 -2.96 -32.82
N VAL D 109 -25.68 -4.19 -32.65
CA VAL D 109 -25.42 -4.69 -31.30
C VAL D 109 -24.37 -3.82 -30.59
N TYR D 110 -23.33 -3.38 -31.29
CA TYR D 110 -22.30 -2.52 -30.65
C TYR D 110 -22.86 -1.19 -30.30
N ARG D 111 -23.63 -0.59 -31.20
CA ARG D 111 -24.25 0.72 -30.93
C ARG D 111 -25.15 0.73 -29.68
N GLU D 112 -25.74 -0.41 -29.34
CA GLU D 112 -26.43 -0.54 -28.03
C GLU D 112 -25.44 -0.71 -26.89
N ALA D 113 -24.47 -1.60 -27.03
CA ALA D 113 -23.53 -1.86 -25.96
C ALA D 113 -22.81 -0.58 -25.50
N VAL D 114 -22.48 0.27 -26.46
CA VAL D 114 -21.70 1.47 -26.18
C VAL D 114 -22.49 2.46 -25.35
N LYS D 115 -23.81 2.40 -25.37
CA LYS D 115 -24.58 3.22 -24.44
C LYS D 115 -24.12 2.99 -22.99
N HIS D 116 -23.73 1.77 -22.65
CA HIS D 116 -23.13 1.51 -21.34
C HIS D 116 -21.80 2.25 -21.14
N ARG D 117 -20.93 2.23 -22.15
CA ARG D 117 -19.64 2.91 -22.02
C ARG D 117 -19.89 4.37 -21.77
N GLN D 118 -20.87 4.93 -22.46
CA GLN D 118 -21.18 6.35 -22.35
C GLN D 118 -21.60 6.70 -20.93
N ALA D 119 -22.33 5.80 -20.30
CA ALA D 119 -22.76 5.96 -18.91
C ALA D 119 -21.63 5.74 -17.92
N ALA D 120 -20.61 4.95 -18.32
CA ALA D 120 -19.59 4.49 -17.38
C ALA D 120 -18.42 5.43 -17.27
N VAL D 121 -18.08 6.10 -18.37
CA VAL D 121 -16.76 6.72 -18.47
C VAL D 121 -16.76 8.16 -18.01
N GLU D 122 -15.87 8.47 -17.08
CA GLU D 122 -15.75 9.82 -16.60
C GLU D 122 -14.84 10.59 -17.49
N ASP D 123 -13.71 9.99 -17.83
CA ASP D 123 -12.73 10.58 -18.76
C ASP D 123 -11.97 9.43 -19.35
N SER D 124 -11.40 9.62 -20.54
CA SER D 124 -10.70 8.54 -21.23
C SER D 124 -9.80 9.07 -22.33
N ARG D 125 -8.88 8.24 -22.80
CA ARG D 125 -8.14 8.50 -24.05
C ARG D 125 -8.20 7.29 -24.90
N LEU D 126 -8.34 7.46 -26.21
CA LEU D 126 -8.26 6.36 -27.15
C LEU D 126 -7.28 6.79 -28.21
N ILE D 127 -6.11 6.18 -28.17
CA ILE D 127 -4.99 6.60 -29.00
C ILE D 127 -4.76 5.57 -30.08
N ARG D 128 -4.76 6.03 -31.33
CA ARG D 128 -4.57 5.13 -32.44
C ARG D 128 -3.09 5.07 -32.77
N LEU D 129 -2.53 3.85 -32.82
CA LEU D 129 -1.13 3.66 -33.18
C LEU D 129 -0.91 2.62 -34.25
N LYS D 130 0.13 2.79 -35.05
CA LYS D 130 0.63 1.74 -35.91
C LYS D 130 1.67 0.96 -35.12
N PRO D 131 1.50 -0.34 -34.95
CA PRO D 131 2.52 -1.13 -34.27
C PRO D 131 3.89 -1.07 -34.94
N LEU D 132 4.95 -0.98 -34.15
CA LEU D 132 6.32 -1.02 -34.65
C LEU D 132 7.09 -2.22 -34.14
N LYS D 133 8.08 -2.70 -34.90
CA LYS D 133 9.06 -3.68 -34.37
C LYS D 133 9.79 -2.91 -33.27
N PRO D 134 9.70 -3.37 -31.99
CA PRO D 134 10.45 -2.69 -30.91
C PRO D 134 12.01 -2.63 -31.10
N GLY D 135 12.45 -1.89 -32.11
CA GLY D 135 13.82 -1.33 -32.28
C GLY D 135 13.55 0.05 -32.88
N MLY D 136 13.72 1.12 -32.08
CA MLY D 136 13.15 2.49 -32.38
CB MLY D 136 14.04 3.66 -31.90
CG MLY D 136 13.28 4.99 -31.73
CD MLY D 136 13.14 5.46 -30.28
CE MLY D 136 12.87 4.32 -29.29
NZ MLY D 136 12.48 4.73 -27.95
CH1 MLY D 136 12.43 3.56 -27.05
CH2 MLY D 136 11.15 5.31 -28.03
C MLY D 136 12.70 2.71 -33.84
O MLY D 136 11.60 2.30 -34.28
S SO4 E . 18.10 1.43 -0.63
O1 SO4 E . 18.56 1.39 0.73
O2 SO4 E . 19.26 1.41 -1.48
O3 SO4 E . 17.19 0.34 -0.91
O4 SO4 E . 17.36 2.66 -0.85
S SO4 F . 10.99 -7.16 -1.99
O1 SO4 F . 10.85 -6.29 -3.17
O2 SO4 F . 9.79 -7.98 -1.88
O3 SO4 F . 12.17 -8.02 -2.17
O4 SO4 F . 11.14 -6.35 -0.78
CL CL G . 10.67 3.36 -18.80
C1 PEG H . 6.28 -15.83 -7.44
O1 PEG H . 7.05 -16.79 -8.20
C2 PEG H . 6.71 -14.39 -7.72
O2 PEG H . 5.57 -13.54 -7.85
C3 PEG H . 5.39 -13.04 -9.16
C4 PEG H . 3.98 -12.48 -9.33
O4 PEG H . 3.62 -12.51 -10.71
C1 PGE I . -3.04 16.13 -41.33
O1 PGE I . -3.42 17.49 -41.02
C2 PGE I . -3.94 15.10 -40.60
O2 PGE I . -3.81 15.21 -39.16
C3 PGE I . -4.10 14.01 -38.44
C4 PGE I . -3.50 14.10 -37.03
O4 PGE I . 0.03 12.23 -37.45
C6 PGE I . 0.06 13.18 -36.39
C5 PGE I . -1.32 13.77 -36.07
O3 PGE I . -2.38 13.22 -36.88
O1 2PE J . 17.01 9.81 -7.81
C2 2PE J . 16.13 9.94 -6.68
C3 2PE J . 15.12 11.08 -6.81
O4 2PE J . 14.56 11.16 -8.14
C5 2PE J . 13.48 12.10 -8.29
C6 2PE J . 13.98 13.53 -8.58
O7 2PE J . 13.96 13.82 -9.98
C8 2PE J . 15.14 13.42 -10.69
C9 2PE J . 14.88 13.10 -12.17
O10 2PE J . 15.06 11.70 -12.47
C11 2PE J . 14.81 11.33 -13.83
C12 2PE J . 14.09 9.98 -13.99
O13 2PE J . 13.40 9.95 -15.25
C14 2PE J . 12.74 8.71 -15.48
C15 2PE J . 12.36 8.63 -16.96
O16 2PE J . 12.81 7.40 -17.54
C17 2PE J . 11.82 6.59 -18.21
C18 2PE J . 12.20 6.27 -19.66
O19 2PE J . 13.13 5.18 -19.70
C20 2PE J . 13.36 4.62 -21.01
C21 2PE J . 14.87 4.56 -21.35
O22 2PE J . 15.37 3.23 -21.45
C23 2PE J . 14.90 2.48 -22.57
C24 2PE J . 14.03 1.28 -22.12
O25 2PE J . 14.70 0.03 -22.21
C26 2PE J . 14.91 -0.49 -23.53
C27 2PE J . 16.40 -0.66 -23.87
O28 2PE J . 16.89 -1.88 -23.34
C1 PEG K . 1.24 -11.70 -19.94
O1 PEG K . 0.69 -12.59 -20.91
C2 PEG K . 0.41 -11.69 -18.65
O2 PEG K . 1.26 -12.02 -17.56
C3 PEG K . 0.57 -12.25 -16.32
C4 PEG K . 1.06 -13.58 -15.76
O4 PEG K . 0.11 -14.03 -14.80
C1 GOL L . 2.77 21.63 -14.87
O1 GOL L . 1.65 22.17 -14.18
C2 GOL L . 3.61 20.71 -13.96
O2 GOL L . 3.48 21.17 -12.62
C3 GOL L . 5.08 20.71 -14.36
O3 GOL L . 5.88 20.93 -13.22
CL CL M . 4.32 2.88 13.47
C1 PEG N . 13.03 17.35 31.54
O1 PEG N . 12.67 18.42 30.65
C2 PEG N . 13.43 16.09 30.76
O2 PEG N . 14.39 15.30 31.49
C3 PEG N . 15.17 14.42 30.68
C4 PEG N . 16.37 15.16 30.07
O4 PEG N . 16.52 14.78 28.71
C1 PEG O . 6.98 -16.74 -0.80
O1 PEG O . 6.72 -17.38 0.46
C2 PEG O . 8.47 -16.68 -1.08
O2 PEG O . 9.01 -17.99 -1.17
C3 PEG O . 9.78 -18.30 -2.35
C4 PEG O . 10.96 -19.19 -1.98
O4 PEG O . 10.71 -20.56 -2.28
C1 PEG P . 0.70 -11.93 2.25
O1 PEG P . -0.42 -12.58 2.87
C2 PEG P . 1.50 -12.91 1.40
O2 PEG P . 2.38 -12.20 0.52
C3 PEG P . 1.77 -11.67 -0.65
C4 PEG P . 2.33 -12.33 -1.89
O4 PEG P . 1.31 -12.29 -2.87
C1 PGE Q . -5.53 4.10 40.87
O1 PGE Q . -5.29 5.27 41.67
C2 PGE Q . -6.87 4.17 40.14
O2 PGE Q . -6.71 3.62 38.82
C3 PGE Q . -6.66 2.19 38.69
C4 PGE Q . -5.40 1.73 37.93
O4 PGE Q . -5.32 4.70 34.27
C6 PGE Q . -4.41 3.88 35.02
C5 PGE Q . -5.17 2.77 35.75
O3 PGE Q . -4.74 2.71 37.11
O1 PE8 R . 17.85 4.94 11.43
C2 PE8 R . 17.92 4.59 12.81
C3 PE8 R . 18.91 5.51 13.53
O4 PE8 R . 18.22 6.24 14.57
C5 PE8 R . 17.49 7.38 14.11
C6 PE8 R . 16.15 7.53 14.86
O7 PE8 R . 15.02 7.61 13.95
C8 PE8 R . 13.73 7.59 14.57
C9 PE8 R . 12.72 6.76 13.79
O10 PE8 R . 11.55 6.51 14.60
C11 PE8 R . 10.81 5.38 14.18
C12 PE8 R . 9.64 5.21 15.13
O13 PE8 R . 8.56 6.07 14.76
C14 PE8 R . 7.42 5.43 14.14
C15 PE8 R . 6.26 5.17 15.12
O16 PE8 R . 5.16 6.09 15.04
C17 PE8 R . 4.29 6.01 13.90
C18 PE8 R . 3.51 7.32 13.68
O19 PE8 R . 3.11 7.55 12.31
C20 PE8 R . 1.77 8.02 12.18
C21 PE8 R . 0.76 6.86 12.34
O22 PE8 R . 0.51 6.15 11.11
C23 PE8 R . -0.87 6.09 10.70
C24 PE8 R . -1.46 7.44 10.24
O25 PE8 R . -1.80 7.47 8.84
C1 GOL S . 19.29 2.83 25.87
O1 GOL S . 18.35 3.84 25.62
C2 GOL S . 18.63 1.74 26.73
O2 GOL S . 17.58 2.26 27.51
C3 GOL S . 19.73 1.03 27.55
O3 GOL S . 19.39 0.83 28.91
OH2 1PE T . -2.45 10.15 0.27
C12 1PE T . -2.69 9.40 -0.95
C22 1PE T . -3.43 8.07 -0.68
OH3 1PE T . -2.63 6.98 -1.13
C13 1PE T . -2.05 4.66 -1.19
C23 1PE T . -2.98 5.70 -0.59
OH4 1PE T . -0.89 5.32 -1.75
C14 1PE T . 0.06 5.33 -4.00
C24 1PE T . -0.09 4.58 -2.68
OH5 1PE T . -1.17 5.97 -4.39
C15 1PE T . -1.87 4.67 -6.28
C25 1PE T . -1.40 6.03 -5.80
OH6 1PE T . -3.01 4.83 -7.12
C16 1PE T . -5.37 4.28 -7.52
C26 1PE T . -4.00 3.79 -7.01
OH7 1PE T . -5.59 5.69 -7.35
S SO4 U . -20.33 -11.12 42.17
O1 SO4 U . -20.52 -12.18 41.18
O2 SO4 U . -19.10 -11.34 42.90
O3 SO4 U . -20.35 -9.84 41.48
O4 SO4 U . -21.44 -11.15 43.12
CL CL V . -7.39 -12.41 27.17
O1 PG4 W . -14.21 -6.37 16.46
C1 PG4 W . -13.30 -6.15 15.36
C2 PG4 W . -12.24 -5.08 15.68
O2 PG4 W . -11.00 -5.28 14.98
C3 PG4 W . -9.84 -4.87 15.74
C4 PG4 W . -8.54 -5.41 15.15
O3 PG4 W . -8.33 -4.85 13.87
C5 PG4 W . -7.02 -5.09 13.38
C6 PG4 W . -6.96 -4.65 11.92
O4 PG4 W . -7.61 -5.58 11.05
C7 PG4 W . -8.11 -4.97 9.84
C8 PG4 W . -8.89 -5.98 8.98
O5 PG4 W . -10.22 -6.11 9.49
C1 PEG X . -31.16 1.61 28.78
O1 PEG X . -32.39 1.72 28.05
C2 PEG X . -30.51 2.96 29.04
O2 PEG X . -29.51 2.82 30.07
C3 PEG X . -28.83 4.04 30.39
C4 PEG X . -29.61 4.81 31.45
O4 PEG X . -29.41 6.22 31.31
C1 PGE Y . 13.41 -13.15 16.71
O1 PGE Y . 12.44 -13.67 15.78
C2 PGE Y . 13.74 -11.69 16.42
O2 PGE Y . 14.48 -11.55 15.20
C3 PGE Y . 15.89 -11.45 15.40
C4 PGE Y . 16.58 -10.86 14.16
O4 PGE Y . 19.51 -14.06 14.05
C6 PGE Y . 18.29 -13.34 14.21
C5 PGE Y . 17.96 -12.51 12.96
O3 PGE Y . 16.71 -11.80 13.07
O1 PE8 Z . -9.33 -14.87 40.85
C2 PE8 Z . -8.33 -14.10 41.52
C3 PE8 Z . -7.12 -13.87 40.60
O4 PE8 Z . -5.87 -13.81 41.32
C5 PE8 Z . -5.26 -15.10 41.56
C6 PE8 Z . -4.40 -15.57 40.37
O7 PE8 Z . -5.05 -16.58 39.58
C8 PE8 Z . -4.89 -16.54 38.15
C9 PE8 Z . -6.19 -16.86 37.39
O10 PE8 Z . -6.50 -15.91 36.36
C11 PE8 Z . -5.64 -16.00 35.20
C12 PE8 Z . -5.76 -14.76 34.32
O13 PE8 Z . -5.10 -15.00 33.09
C14 PE8 Z . -5.86 -14.58 31.96
C15 PE8 Z . -5.27 -15.07 30.64
O16 PE8 Z . -6.19 -14.90 29.54
C17 PE8 Z . -5.57 -14.83 28.26
C18 PE8 Z . -6.07 -15.85 27.20
O19 PE8 Z . -7.49 -16.15 27.10
C20 PE8 Z . -7.74 -17.21 26.14
C21 PE8 Z . -9.12 -17.12 25.48
O22 PE8 Z . -9.18 -16.18 24.36
C23 PE8 Z . -9.51 -16.75 23.08
C24 PE8 Z . -10.83 -16.19 22.49
O25 PE8 Z . -11.71 -17.21 21.98
C1 GOL AA . 5.92 -12.13 40.08
O1 GOL AA . 5.72 -12.71 41.37
C2 GOL AA . 7.16 -11.26 40.12
O2 GOL AA . 6.99 -10.15 40.98
C3 GOL AA . 7.52 -10.75 38.75
O3 GOL AA . 8.55 -9.80 38.91
CL CL BA . -10.54 -0.16 -28.76
O1 PG4 CA . 7.41 -9.08 -26.13
C1 PG4 CA . 6.92 -9.75 -24.95
C2 PG4 CA . 5.38 -9.86 -24.90
O2 PG4 CA . 4.84 -8.85 -24.02
C3 PG4 CA . 3.48 -8.46 -24.25
C4 PG4 CA . 3.38 -7.01 -24.74
O3 PG4 CA . 3.12 -6.99 -26.15
C5 PG4 CA . 1.89 -6.40 -26.55
C6 PG4 CA . 1.57 -6.66 -28.02
O4 PG4 CA . 2.19 -7.86 -28.54
C7 PG4 CA . 1.33 -8.81 -29.23
C8 PG4 CA . 0.95 -8.38 -30.66
O5 PG4 CA . -0.14 -9.13 -31.22
C1 PEG DA . 6.94 -6.62 -33.70
O1 PEG DA . 6.42 -7.55 -32.74
C2 PEG DA . 6.29 -6.76 -35.09
O2 PEG DA . 5.41 -5.66 -35.36
C3 PEG DA . 5.14 -5.51 -36.76
C4 PEG DA . 6.13 -4.53 -37.37
O4 PEG DA . 6.67 -5.05 -38.58
O1 2PE EA . -19.96 7.71 -36.29
C2 2PE EA . -19.55 8.01 -34.96
C3 2PE EA . -19.00 9.44 -34.88
O4 2PE EA . -18.89 9.87 -33.52
C5 2PE EA . -19.88 10.81 -33.11
C6 2PE EA . -20.53 10.38 -31.80
O7 2PE EA . -20.52 8.95 -31.68
C8 2PE EA . -20.41 8.46 -30.34
C9 2PE EA . -20.28 6.93 -30.33
O10 2PE EA . -18.95 6.53 -29.95
C11 2PE EA . -18.51 5.28 -30.50
C12 2PE EA . -16.98 5.20 -30.48
O13 2PE EA . -16.48 4.76 -29.21
C14 2PE EA . -15.23 4.08 -29.31
C15 2PE EA . -15.06 3.26 -28.04
O16 2PE EA . -14.31 2.08 -28.29
C17 2PE EA . -13.15 1.89 -27.46
C18 2PE EA . -13.21 0.62 -26.58
O19 2PE EA . -13.37 -0.54 -27.39
C20 2PE EA . -13.23 -1.79 -26.71
C21 2PE EA . -14.47 -2.68 -26.85
O22 2PE EA . -14.20 -3.99 -27.34
C23 2PE EA . -13.46 -4.86 -26.46
C24 2PE EA . -11.99 -4.98 -26.93
O25 2PE EA . -11.74 -6.07 -27.84
C26 2PE EA . -11.57 -7.35 -27.23
C27 2PE EA . -11.92 -8.48 -28.19
O28 2PE EA . -12.83 -9.37 -27.58
C1 GOL FA . -15.38 17.25 -23.81
O1 GOL FA . -16.54 17.41 -24.60
C2 GOL FA . -14.90 18.62 -23.41
O2 GOL FA . -14.71 19.46 -24.54
C3 GOL FA . -13.60 18.55 -22.62
O3 GOL FA . -13.09 19.88 -22.44
#